data_1DVA
#
_entry.id   1DVA
#
_cell.length_a   70.490
_cell.length_b   55.260
_cell.length_c   111.730
_cell.angle_alpha   90.00
_cell.angle_beta   99.48
_cell.angle_gamma   90.00
#
_symmetry.space_group_name_H-M   'P 1 21 1'
#
loop_
_entity.id
_entity.type
_entity.pdbx_description
1 polymer 'DES-GLA FACTOR VIIA (HEAVY CHAIN)'
2 polymer 'DES-GLA FACTOR VIIA (LIGHT CHAIN)'
3 polymer 'PEPTIDE E-76'
4 branched beta-D-galactopyranose-(1-4)-beta-D-glucopyranose
5 non-polymer D-phenylalanyl-N-[(2S,3S)-6-{[amino(iminio)methyl]amino}-1-chloro-2-hydroxyhexan-3-yl]-L-phenylalaninamide
6 non-polymer 'CALCIUM ION'
7 non-polymer 'CACODYLATE ION'
8 non-polymer alpha-L-fucopyranose
9 non-polymer alpha-D-glucopyranose
10 non-polymer beta-L-fucopyranose
11 water water
#
loop_
_entity_poly.entity_id
_entity_poly.type
_entity_poly.pdbx_seq_one_letter_code
_entity_poly.pdbx_strand_id
1 'polypeptide(L)'
;IVGGKVCPKGECPWQVLLLVNGAQLCGGTLINTIWVVSAAHCFDKIKNWRNLIAVLGEHDLSEHDGDEQSRRVAQVIIPS
TYVPGTTNHDIALLRLHQPVVLTDHVVPLCLPERTFSERTLAFVRFSLVSGWGQLLDRGATALELMVLNVPRLMTQDCLQ
QSRKVGDSPNITEYMFCAGYSDGSKDSCKGDSGGPHATHYRGTWYLTGIVSWGQGCATVGHFGVYTRVSQYIEWLQKLMR
SEPRPGVLLRAPFP
;
H,I
2 'polypeptide(L)'
;ISYSDGDQCASSPCQNGGSCKDQLQSYICFCLPAFEGRNCETHKDDQLICVNENGGCEQYCSDHTGTKRSCRCHEGYSLL
ADGVSCTPTVEYPCGKIPILE
;
L,M
3 'polypeptide(L)' (ACE)ALCDDPRVDRWYCQFVEG(NH2) X,Y
#
loop_
_chem_comp.id
_chem_comp.type
_chem_comp.name
_chem_comp.formula
0Z6 peptide-like D-phenylalanyl-N-[(2S,3S)-6-{[amino(iminio)methyl]amino}-1-chloro-2-hydroxyhexan-3-yl]-L-phenylalaninamide 'C25 H36 Cl N6 O3 1'
ACE non-polymer 'ACETYL GROUP' 'C2 H4 O'
BGC D-saccharide, beta linking beta-D-glucopyranose 'C6 H12 O6'
CA non-polymer 'CALCIUM ION' 'Ca 2'
CAC non-polymer 'CACODYLATE ION' 'C2 H6 As O2 -1'
FUC L-saccharide, alpha linking alpha-L-fucopyranose 'C6 H12 O5'
FUL L-saccharide, beta linking beta-L-fucopyranose 'C6 H12 O5'
GAL D-saccharide, beta linking beta-D-galactopyranose 'C6 H12 O6'
GLC D-saccharide, alpha linking alpha-D-glucopyranose 'C6 H12 O6'
NH2 non-polymer 'AMINO GROUP' 'H2 N'
#
# COMPACT_ATOMS: atom_id res chain seq x y z
N ILE A 1 1.05 25.04 -25.63
CA ILE A 1 2.35 24.44 -25.98
C ILE A 1 3.02 25.19 -27.08
N VAL A 2 4.36 25.17 -27.05
CA VAL A 2 5.15 25.85 -28.06
C VAL A 2 6.03 24.87 -28.74
N GLY A 3 6.19 25.03 -30.04
CA GLY A 3 7.04 24.11 -30.76
C GLY A 3 6.54 22.68 -30.76
N GLY A 4 5.25 22.48 -30.48
CA GLY A 4 4.76 21.12 -30.50
C GLY A 4 4.23 20.58 -31.81
N LYS A 5 3.67 19.38 -31.73
CA LYS A 5 3.05 18.69 -32.84
C LYS A 5 1.74 18.18 -32.24
N VAL A 6 0.67 18.07 -33.04
CA VAL A 6 -0.62 17.55 -32.51
C VAL A 6 -0.47 16.09 -32.05
N CYS A 7 -1.17 15.73 -30.98
CA CYS A 7 -1.07 14.38 -30.43
C CYS A 7 -2.05 13.47 -31.09
N PRO A 8 -1.55 12.49 -31.81
CA PRO A 8 -2.43 11.56 -32.49
C PRO A 8 -3.54 11.22 -31.52
N LYS A 9 -4.77 11.44 -31.97
CA LYS A 9 -5.95 11.22 -31.16
C LYS A 9 -5.94 9.90 -30.45
N GLY A 10 -5.97 9.96 -29.13
CA GLY A 10 -5.98 8.75 -28.35
C GLY A 10 -4.56 8.33 -28.06
N GLU A 11 -3.61 9.21 -28.33
CA GLU A 11 -2.19 8.96 -28.04
C GLU A 11 -1.83 9.81 -26.85
N CYS A 12 -2.86 10.34 -26.22
CA CYS A 12 -2.72 11.16 -25.04
C CYS A 12 -4.01 10.92 -24.22
N PRO A 13 -4.47 9.66 -24.13
CA PRO A 13 -5.68 9.36 -23.40
C PRO A 13 -5.79 9.74 -21.96
N TRP A 14 -4.71 10.18 -21.32
CA TRP A 14 -4.83 10.57 -19.92
C TRP A 14 -4.86 12.08 -19.72
N GLN A 15 -4.95 12.83 -20.82
CA GLN A 15 -5.01 14.27 -20.68
C GLN A 15 -6.43 14.65 -20.37
N VAL A 16 -6.54 15.62 -19.50
CA VAL A 16 -7.81 16.14 -19.07
C VAL A 16 -7.87 17.66 -19.39
N LEU A 17 -9.06 18.19 -19.55
CA LEU A 17 -9.17 19.59 -19.82
C LEU A 17 -10.07 20.09 -18.71
N LEU A 18 -9.56 20.96 -17.84
CA LEU A 18 -10.31 21.48 -16.68
C LEU A 18 -10.99 22.84 -16.85
N LEU A 19 -12.31 22.85 -16.77
CA LEU A 19 -13.10 24.08 -16.94
C LEU A 19 -13.69 24.64 -15.65
N VAL A 20 -13.92 25.94 -15.62
CA VAL A 20 -14.53 26.58 -14.46
C VAL A 20 -15.53 27.46 -15.11
N ASN A 21 -16.77 27.00 -15.18
CA ASN A 21 -17.83 27.79 -15.79
C ASN A 21 -17.59 27.82 -17.29
N GLY A 22 -17.48 26.62 -17.85
CA GLY A 22 -17.29 26.46 -19.30
C GLY A 22 -16.03 27.08 -19.81
N ALA A 23 -15.22 27.58 -18.88
CA ALA A 23 -13.99 28.24 -19.25
C ALA A 23 -12.78 27.36 -19.12
N GLN A 24 -11.72 27.72 -19.83
CA GLN A 24 -10.49 26.97 -19.77
C GLN A 24 -9.80 27.37 -18.50
N LEU A 25 -9.47 26.40 -17.67
CA LEU A 25 -8.76 26.67 -16.46
C LEU A 25 -7.34 26.16 -16.58
N CYS A 26 -7.21 24.86 -16.83
CA CYS A 26 -5.89 24.25 -16.94
C CYS A 26 -6.03 22.89 -17.57
N GLY A 27 -5.02 22.05 -17.35
CA GLY A 27 -5.00 20.69 -17.85
C GLY A 27 -4.79 19.83 -16.62
N GLY A 28 -4.75 18.51 -16.79
CA GLY A 28 -4.54 17.68 -15.65
C GLY A 28 -4.45 16.28 -16.15
N THR A 29 -4.00 15.35 -15.30
CA THR A 29 -3.85 13.92 -15.68
C THR A 29 -4.87 13.01 -15.07
N LEU A 30 -5.14 11.91 -15.74
CA LEU A 30 -6.10 10.97 -15.21
C LEU A 30 -5.38 9.73 -14.72
N ILE A 31 -5.31 9.50 -13.41
CA ILE A 31 -4.60 8.32 -12.95
C ILE A 31 -5.45 7.03 -12.83
N ASN A 32 -6.71 7.20 -12.51
CA ASN A 32 -7.60 6.07 -12.42
C ASN A 32 -8.95 6.65 -12.74
N THR A 33 -9.92 5.78 -12.91
CA THR A 33 -11.29 6.18 -13.23
C THR A 33 -11.96 7.22 -12.33
N ILE A 34 -11.24 7.85 -11.41
CA ILE A 34 -11.93 8.76 -10.53
C ILE A 34 -11.06 9.91 -10.09
N TRP A 35 -9.76 9.67 -10.10
CA TRP A 35 -8.83 10.69 -9.63
C TRP A 35 -8.07 11.40 -10.76
N VAL A 36 -7.70 12.64 -10.46
CA VAL A 36 -7.01 13.46 -11.43
C VAL A 36 -6.02 14.39 -10.76
N VAL A 37 -4.74 14.27 -11.14
CA VAL A 37 -3.76 15.21 -10.58
C VAL A 37 -3.67 16.40 -11.51
N SER A 38 -3.23 17.51 -10.96
CA SER A 38 -3.10 18.68 -11.76
C SER A 38 -2.37 19.64 -10.88
N ALA A 39 -2.00 20.78 -11.45
CA ALA A 39 -1.27 21.77 -10.70
C ALA A 39 -2.14 22.49 -9.69
N ALA A 40 -1.60 22.73 -8.52
CA ALA A 40 -2.32 23.41 -7.49
C ALA A 40 -2.66 24.84 -7.80
N HIS A 41 -1.78 25.56 -8.47
CA HIS A 41 -2.07 26.97 -8.70
C HIS A 41 -3.26 27.35 -9.55
N CYS A 42 -3.94 26.40 -10.18
CA CYS A 42 -5.13 26.72 -10.98
C CYS A 42 -6.28 27.12 -10.08
N PHE A 43 -6.31 26.55 -8.89
CA PHE A 43 -7.38 26.84 -7.94
C PHE A 43 -6.97 27.89 -6.94
N ASP A 44 -6.42 28.98 -7.45
CA ASP A 44 -5.96 30.07 -6.60
C ASP A 44 -7.03 31.15 -6.58
N LYS A 45 -7.61 31.41 -7.74
CA LYS A 45 -8.62 32.44 -7.83
C LYS A 45 -10.01 31.87 -8.07
N ILE A 46 -10.22 30.61 -7.69
CA ILE A 46 -11.54 29.99 -7.87
C ILE A 46 -12.52 30.50 -6.82
N LYS A 47 -13.63 31.08 -7.30
CA LYS A 47 -14.66 31.62 -6.42
C LYS A 47 -15.90 30.78 -6.55
N ASN A 48 -16.24 30.42 -7.77
CA ASN A 48 -17.40 29.61 -7.96
C ASN A 48 -16.99 28.16 -7.95
N TRP A 49 -16.64 27.65 -6.76
CA TRP A 49 -16.19 26.27 -6.57
C TRP A 49 -17.17 25.16 -6.98
N ARG A 50 -18.46 25.46 -7.05
CA ARG A 50 -19.45 24.43 -7.41
C ARG A 50 -19.45 24.10 -8.89
N ASN A 51 -18.88 24.98 -9.69
CA ASN A 51 -18.87 24.83 -11.12
C ASN A 51 -17.58 24.29 -11.78
N LEU A 52 -16.91 23.29 -11.18
CA LEU A 52 -15.67 22.76 -11.77
C LEU A 52 -15.87 21.49 -12.59
N ILE A 53 -15.77 21.59 -13.92
CA ILE A 53 -15.94 20.42 -14.80
C ILE A 53 -14.59 19.80 -15.16
N ALA A 54 -14.58 18.59 -15.74
CA ALA A 54 -13.32 17.97 -16.11
C ALA A 54 -13.62 17.11 -17.30
N VAL A 55 -13.32 17.66 -18.47
CA VAL A 55 -13.54 16.99 -19.73
C VAL A 55 -12.38 16.04 -20.06
N LEU A 56 -12.74 14.80 -20.36
CA LEU A 56 -11.78 13.75 -20.72
C LEU A 56 -12.26 13.20 -22.02
N GLY A 57 -11.31 12.73 -22.82
CA GLY A 57 -11.62 12.16 -24.12
C GLY A 57 -11.45 13.21 -25.21
N GLU A 58 -11.27 14.46 -24.79
CA GLU A 58 -11.12 15.54 -25.73
C GLU A 58 -9.90 15.43 -26.61
N HIS A 59 -9.86 16.25 -27.64
CA HIS A 59 -8.74 16.29 -28.56
C HIS A 59 -8.83 17.60 -29.30
N ASP A 60 -9.80 17.66 -30.20
CA ASP A 60 -10.07 18.83 -31.01
C ASP A 60 -11.31 19.56 -30.50
N LEU A 61 -11.17 20.66 -29.78
CA LEU A 61 -12.37 21.32 -29.25
C LEU A 61 -13.24 22.03 -30.26
N SER A 62 -13.04 21.78 -31.53
CA SER A 62 -13.83 22.48 -32.53
C SER A 62 -14.91 21.63 -33.15
N GLU A 63 -14.77 20.30 -33.04
CA GLU A 63 -15.73 19.33 -33.57
C GLU A 63 -16.05 18.23 -32.54
N HIS A 64 -17.09 17.45 -32.80
CA HIS A 64 -17.42 16.41 -31.86
C HIS A 64 -17.17 14.99 -32.38
N ASP A 65 -16.84 14.08 -31.45
CA ASP A 65 -16.57 12.67 -31.76
C ASP A 65 -16.81 11.93 -30.45
N GLY A 66 -17.95 11.26 -30.34
CA GLY A 66 -18.31 10.54 -29.12
C GLY A 66 -17.16 9.94 -28.34
N ASP A 67 -16.43 10.77 -27.63
CA ASP A 67 -15.28 10.28 -26.87
C ASP A 67 -15.21 11.18 -25.69
N GLU A 68 -15.73 12.37 -25.83
CA GLU A 68 -15.69 13.33 -24.76
C GLU A 68 -16.62 12.93 -23.64
N GLN A 69 -16.13 13.11 -22.41
CA GLN A 69 -16.87 12.73 -21.22
C GLN A 69 -16.78 13.85 -20.22
N SER A 70 -17.89 14.23 -19.62
CA SER A 70 -17.81 15.30 -18.62
C SER A 70 -18.06 14.66 -17.27
N ARG A 71 -17.46 15.24 -16.24
CA ARG A 71 -17.60 14.76 -14.87
C ARG A 71 -17.36 15.92 -13.94
N ARG A 72 -18.16 16.04 -12.91
CA ARG A 72 -18.01 17.14 -11.99
C ARG A 72 -16.77 16.88 -11.14
N VAL A 73 -16.25 17.89 -10.47
CA VAL A 73 -15.07 17.72 -9.63
C VAL A 73 -15.44 17.99 -8.15
N ALA A 74 -15.73 16.95 -7.39
CA ALA A 74 -16.14 17.15 -6.00
C ALA A 74 -15.10 17.76 -5.12
N GLN A 75 -13.85 17.36 -5.30
CA GLN A 75 -12.77 17.88 -4.46
C GLN A 75 -11.52 18.28 -5.18
N VAL A 76 -10.86 19.28 -4.64
CA VAL A 76 -9.62 19.76 -5.19
C VAL A 76 -8.74 19.85 -3.96
N ILE A 77 -7.90 18.84 -3.74
CA ILE A 77 -7.01 18.81 -2.57
C ILE A 77 -5.60 19.23 -2.92
N ILE A 78 -4.98 20.02 -2.03
CA ILE A 78 -3.62 20.48 -2.26
C ILE A 78 -2.85 20.64 -0.98
N PRO A 79 -1.52 20.55 -1.06
CA PRO A 79 -0.59 20.69 0.06
C PRO A 79 -0.92 21.77 1.08
N SER A 80 -0.85 21.38 2.34
CA SER A 80 -1.09 22.29 3.45
C SER A 80 -0.03 23.36 3.39
N THR A 81 1.10 22.96 2.82
CA THR A 81 2.27 23.82 2.66
C THR A 81 2.12 24.73 1.44
N TYR A 82 1.30 24.29 0.48
CA TYR A 82 1.11 25.11 -0.70
C TYR A 82 0.66 26.46 -0.24
N VAL A 83 1.45 27.45 -0.65
CA VAL A 83 1.18 28.83 -0.30
C VAL A 83 0.79 29.58 -1.55
N PRO A 84 -0.50 29.89 -1.68
CA PRO A 84 -1.00 30.62 -2.85
C PRO A 84 -0.03 31.64 -3.45
N GLY A 85 0.12 31.62 -4.77
CA GLY A 85 1.00 32.57 -5.44
C GLY A 85 2.51 32.32 -5.44
N THR A 86 2.92 31.12 -5.04
CA THR A 86 4.33 30.74 -4.99
C THR A 86 4.63 29.55 -5.89
N THR A 87 5.90 29.23 -6.04
CA THR A 87 6.25 28.11 -6.90
C THR A 87 6.34 26.76 -6.22
N ASN A 88 6.49 26.73 -4.91
CA ASN A 88 6.61 25.45 -4.24
C ASN A 88 5.32 24.70 -4.00
N HIS A 89 5.38 23.39 -4.26
CA HIS A 89 4.27 22.44 -4.11
C HIS A 89 3.11 22.84 -4.99
N ASP A 90 3.32 22.75 -6.30
CA ASP A 90 2.30 23.10 -7.28
C ASP A 90 1.62 21.82 -7.73
N ILE A 91 0.82 21.20 -6.85
CA ILE A 91 0.13 19.95 -7.18
C ILE A 91 -1.25 19.86 -6.54
N ALA A 92 -2.16 19.08 -7.13
CA ALA A 92 -3.51 18.99 -6.60
C ALA A 92 -4.19 17.70 -6.99
N LEU A 93 -4.86 17.08 -6.03
CA LEU A 93 -5.53 15.82 -6.30
C LEU A 93 -6.97 16.15 -6.53
N LEU A 94 -7.60 15.48 -7.47
CA LEU A 94 -9.00 15.79 -7.75
C LEU A 94 -9.90 14.55 -7.70
N ARG A 95 -10.97 14.68 -6.92
CA ARG A 95 -11.96 13.62 -6.76
C ARG A 95 -13.14 13.98 -7.68
N LEU A 96 -13.47 13.09 -8.62
CA LEU A 96 -14.58 13.29 -9.58
C LEU A 96 -15.92 12.69 -9.11
N HIS A 97 -17.00 13.46 -9.18
CA HIS A 97 -18.33 13.01 -8.73
C HIS A 97 -18.57 11.56 -9.11
N GLN A 98 -18.50 11.26 -10.39
CA GLN A 98 -18.73 9.92 -10.85
C GLN A 98 -17.51 9.49 -11.69
N PRO A 99 -17.13 8.21 -11.64
CA PRO A 99 -15.98 7.77 -12.41
C PRO A 99 -16.22 7.85 -13.91
N VAL A 100 -15.13 8.08 -14.63
CA VAL A 100 -15.17 8.19 -16.08
C VAL A 100 -15.19 6.76 -16.59
N VAL A 101 -15.56 6.59 -17.83
CA VAL A 101 -15.63 5.25 -18.36
C VAL A 101 -14.49 5.04 -19.30
N LEU A 102 -13.49 4.29 -18.84
CA LEU A 102 -12.34 4.04 -19.68
C LEU A 102 -12.76 3.49 -21.02
N THR A 103 -12.11 3.99 -22.07
CA THR A 103 -12.38 3.55 -23.43
C THR A 103 -11.09 3.72 -24.22
N ASP A 104 -11.10 3.23 -25.45
CA ASP A 104 -9.93 3.35 -26.31
C ASP A 104 -9.32 4.75 -26.25
N HIS A 105 -10.13 5.76 -25.99
CA HIS A 105 -9.63 7.10 -25.99
C HIS A 105 -9.54 7.77 -24.63
N VAL A 106 -9.90 7.04 -23.58
CA VAL A 106 -9.81 7.61 -22.23
C VAL A 106 -9.08 6.60 -21.39
N VAL A 107 -7.85 6.91 -21.03
CA VAL A 107 -7.12 5.96 -20.25
C VAL A 107 -6.26 6.57 -19.19
N PRO A 108 -6.35 6.05 -17.99
CA PRO A 108 -5.56 6.56 -16.87
C PRO A 108 -4.08 6.41 -17.21
N LEU A 109 -3.23 7.08 -16.45
CA LEU A 109 -1.79 7.01 -16.69
C LEU A 109 -1.01 6.49 -15.48
N CYS A 110 -0.40 5.33 -15.62
CA CYS A 110 0.38 4.72 -14.55
C CYS A 110 1.15 5.66 -13.66
N LEU A 111 0.76 5.73 -12.41
CA LEU A 111 1.46 6.53 -11.41
C LEU A 111 2.37 5.46 -10.77
N PRO A 112 3.68 5.73 -10.56
CA PRO A 112 4.65 4.79 -9.99
C PRO A 112 4.96 4.87 -8.48
N GLU A 113 5.95 4.10 -8.05
CA GLU A 113 6.36 4.08 -6.65
C GLU A 113 7.48 5.10 -6.40
N ARG A 114 7.40 5.75 -5.25
CA ARG A 114 8.38 6.75 -4.85
C ARG A 114 9.82 6.23 -4.96
N THR A 115 9.94 4.94 -5.31
CA THR A 115 11.24 4.30 -5.42
C THR A 115 11.53 4.14 -6.89
N PHE A 116 10.66 3.38 -7.54
CA PHE A 116 10.75 3.10 -8.96
C PHE A 116 11.11 4.40 -9.71
N SER A 117 10.31 5.44 -9.48
CA SER A 117 10.49 6.72 -10.11
C SER A 117 11.78 7.43 -9.74
N GLU A 118 12.26 7.24 -8.50
CA GLU A 118 13.50 7.90 -8.07
C GLU A 118 14.73 7.15 -8.51
N ARG A 119 14.60 5.85 -8.70
CA ARG A 119 15.76 5.10 -9.10
C ARG A 119 15.81 5.04 -10.60
N THR A 120 14.63 4.98 -11.22
CA THR A 120 14.52 4.83 -12.65
C THR A 120 14.04 5.98 -13.49
N LEU A 121 12.73 6.11 -13.60
CA LEU A 121 12.12 7.15 -14.41
C LEU A 121 12.90 8.44 -14.22
N ALA A 122 13.53 8.59 -13.08
CA ALA A 122 14.31 9.79 -12.83
C ALA A 122 15.44 9.99 -13.86
N PHE A 123 16.07 8.87 -14.23
CA PHE A 123 17.20 8.87 -15.15
C PHE A 123 16.85 8.67 -16.64
N VAL A 124 15.66 9.08 -17.06
CA VAL A 124 15.26 8.92 -18.45
C VAL A 124 15.26 10.29 -19.12
N ARG A 125 16.13 10.50 -20.10
CA ARG A 125 16.20 11.80 -20.72
C ARG A 125 14.92 12.34 -21.33
N PHE A 126 14.24 11.56 -22.15
CA PHE A 126 13.04 12.10 -22.78
C PHE A 126 11.67 11.68 -22.29
N SER A 127 10.82 12.69 -22.07
CA SER A 127 9.45 12.46 -21.63
C SER A 127 8.50 13.42 -22.37
N LEU A 128 7.19 13.15 -22.34
CA LEU A 128 6.20 13.97 -23.02
C LEU A 128 5.32 14.81 -22.16
N VAL A 129 5.12 16.03 -22.62
CA VAL A 129 4.25 17.01 -21.98
C VAL A 129 3.09 17.17 -22.98
N SER A 130 1.94 17.64 -22.54
CA SER A 130 0.83 17.70 -23.47
C SER A 130 -0.21 18.64 -22.98
N GLY A 131 -0.97 19.22 -23.88
CA GLY A 131 -1.99 20.17 -23.45
C GLY A 131 -2.46 21.08 -24.57
N TRP A 132 -3.35 22.01 -24.23
CA TRP A 132 -3.88 22.90 -25.23
C TRP A 132 -3.35 24.35 -25.17
N GLY A 133 -2.48 24.67 -24.21
CA GLY A 133 -1.98 26.04 -24.12
C GLY A 133 -3.12 27.03 -23.89
N GLN A 134 -3.21 28.09 -24.70
CA GLN A 134 -4.28 29.11 -24.59
C GLN A 134 -5.27 28.87 -25.74
N LEU A 135 -6.49 28.42 -25.41
CA LEU A 135 -7.53 28.10 -26.40
C LEU A 135 -8.20 29.28 -27.09
N LEU A 136 -7.83 30.48 -26.67
CA LEU A 136 -8.34 31.70 -27.27
C LEU A 136 -7.47 31.93 -28.52
N ASP A 137 -6.16 32.03 -28.36
CA ASP A 137 -5.25 32.20 -29.48
C ASP A 137 -5.91 31.72 -30.77
N ARG A 138 -5.73 32.49 -31.83
CA ARG A 138 -6.38 32.22 -33.10
C ARG A 138 -5.80 31.24 -34.14
N GLY A 139 -4.57 30.78 -33.90
CA GLY A 139 -3.94 29.83 -34.84
C GLY A 139 -4.85 28.68 -35.26
N ALA A 140 -4.65 28.19 -36.47
CA ALA A 140 -5.46 27.11 -37.03
C ALA A 140 -5.58 25.83 -36.19
N THR A 141 -4.50 25.41 -35.56
CA THR A 141 -4.49 24.20 -34.76
C THR A 141 -4.65 24.53 -33.29
N ALA A 142 -4.95 25.78 -33.03
CA ALA A 142 -5.08 26.21 -31.67
C ALA A 142 -5.99 25.31 -30.85
N LEU A 143 -6.95 24.65 -31.50
CA LEU A 143 -7.89 23.81 -30.78
C LEU A 143 -7.55 22.33 -30.73
N GLU A 144 -6.29 21.98 -30.82
CA GLU A 144 -5.94 20.58 -30.82
C GLU A 144 -4.95 20.24 -29.73
N LEU A 145 -5.19 19.13 -29.03
CA LEU A 145 -4.28 18.69 -27.97
C LEU A 145 -2.89 18.54 -28.58
N MET A 146 -1.87 19.12 -27.97
CA MET A 146 -0.54 19.03 -28.56
C MET A 146 0.43 18.40 -27.59
N VAL A 147 1.39 17.61 -28.09
CA VAL A 147 2.39 16.97 -27.22
C VAL A 147 3.80 17.34 -27.61
N LEU A 148 4.67 17.48 -26.62
CA LEU A 148 6.06 17.88 -26.83
C LEU A 148 6.98 16.78 -26.32
N ASN A 149 8.22 16.81 -26.76
CA ASN A 149 9.16 15.82 -26.30
C ASN A 149 10.25 16.63 -25.66
N VAL A 150 10.43 16.48 -24.37
CA VAL A 150 11.44 17.24 -23.71
C VAL A 150 12.34 16.37 -22.85
N PRO A 151 13.63 16.71 -22.78
CA PRO A 151 14.60 15.98 -21.98
C PRO A 151 14.58 16.60 -20.62
N ARG A 152 14.95 15.83 -19.60
CA ARG A 152 14.97 16.36 -18.24
C ARG A 152 16.37 16.80 -17.78
N LEU A 153 16.42 17.65 -16.77
CA LEU A 153 17.70 18.16 -16.27
C LEU A 153 17.93 17.96 -14.78
N MET A 154 19.16 17.65 -14.40
CA MET A 154 19.43 17.52 -12.98
C MET A 154 19.38 18.99 -12.54
N THR A 155 18.49 19.30 -11.61
CA THR A 155 18.28 20.67 -11.11
C THR A 155 19.49 21.60 -11.09
N GLN A 156 20.69 21.03 -10.93
CA GLN A 156 21.92 21.81 -10.88
C GLN A 156 22.26 22.33 -12.27
N ASP A 157 22.35 21.41 -13.23
CA ASP A 157 22.65 21.78 -14.60
C ASP A 157 21.62 22.80 -15.02
N CYS A 158 20.47 22.81 -14.33
CA CYS A 158 19.42 23.77 -14.65
C CYS A 158 19.65 25.10 -13.97
N LEU A 159 20.23 25.08 -12.77
CA LEU A 159 20.52 26.34 -12.10
C LEU A 159 21.68 26.91 -12.90
N GLN A 160 22.70 26.09 -13.15
CA GLN A 160 23.85 26.53 -13.94
C GLN A 160 23.36 27.10 -15.26
N GLN A 161 23.06 26.21 -16.19
CA GLN A 161 22.58 26.57 -17.51
C GLN A 161 21.67 27.79 -17.61
N SER A 162 21.04 28.15 -16.50
CA SER A 162 20.11 29.25 -16.55
C SER A 162 20.79 30.57 -16.51
N ARG A 163 20.43 31.44 -17.47
CA ARG A 163 20.91 32.82 -17.51
C ARG A 163 20.24 33.16 -16.19
N LYS A 164 20.82 32.63 -15.12
CA LYS A 164 20.31 32.68 -13.76
C LYS A 164 20.64 33.95 -12.96
N VAL A 165 21.59 34.75 -13.41
CA VAL A 165 21.82 35.99 -12.67
C VAL A 165 20.47 36.67 -12.89
N GLY A 166 19.73 36.12 -13.86
CA GLY A 166 18.41 36.65 -14.18
C GLY A 166 17.35 36.22 -13.18
N ASP A 167 17.28 36.97 -12.07
CA ASP A 167 16.32 36.75 -10.98
C ASP A 167 16.08 35.28 -10.55
N SER A 168 16.99 34.39 -10.93
CA SER A 168 16.89 32.96 -10.61
C SER A 168 15.91 32.66 -9.48
N PRO A 169 14.78 32.00 -9.79
CA PRO A 169 13.84 31.70 -8.72
C PRO A 169 14.33 30.39 -8.11
N ASN A 170 13.99 30.17 -6.85
CA ASN A 170 14.39 28.94 -6.17
C ASN A 170 13.94 27.71 -6.98
N ILE A 171 14.75 26.64 -6.94
CA ILE A 171 14.39 25.39 -7.63
C ILE A 171 14.47 24.21 -6.65
N THR A 172 13.40 24.01 -5.90
CA THR A 172 13.31 22.98 -4.88
C THR A 172 13.35 21.51 -5.24
N GLU A 173 13.53 20.72 -4.18
CA GLU A 173 13.59 19.28 -4.32
C GLU A 173 12.24 18.80 -4.84
N TYR A 174 11.25 19.67 -4.75
CA TYR A 174 9.92 19.32 -5.21
C TYR A 174 9.70 19.68 -6.68
N MET A 175 10.78 19.93 -7.38
CA MET A 175 10.68 20.30 -8.78
C MET A 175 11.87 19.82 -9.57
N PHE A 176 11.75 19.99 -10.89
CA PHE A 176 12.82 19.66 -11.82
C PHE A 176 12.61 20.41 -13.14
N CYS A 177 13.71 20.72 -13.81
CA CYS A 177 13.65 21.45 -15.05
C CYS A 177 13.58 20.49 -16.19
N ALA A 178 13.09 20.99 -17.32
CA ALA A 178 13.00 20.15 -18.48
C ALA A 178 12.63 20.99 -19.67
N GLY A 179 13.18 20.61 -20.81
CA GLY A 179 12.96 21.30 -22.07
C GLY A 179 14.22 21.53 -22.91
N TYR A 180 14.32 22.72 -23.47
CA TYR A 180 15.45 23.11 -24.29
C TYR A 180 15.71 24.59 -23.97
N SER A 181 16.89 24.90 -23.45
CA SER A 181 17.20 26.27 -23.05
C SER A 181 17.20 27.33 -24.14
N ASP A 182 17.38 26.91 -25.39
CA ASP A 182 17.45 27.84 -26.53
C ASP A 182 16.20 28.58 -26.99
N GLY A 183 15.06 28.34 -26.35
CA GLY A 183 13.81 29.00 -26.73
C GLY A 183 13.09 28.50 -27.99
N SER A 184 13.09 27.19 -28.20
CA SER A 184 12.41 26.59 -29.35
C SER A 184 11.06 25.95 -28.97
N LYS A 185 11.09 25.13 -27.91
CA LYS A 185 9.93 24.40 -27.39
C LYS A 185 9.80 24.46 -25.86
N ASP A 186 8.57 24.56 -25.36
CA ASP A 186 8.31 24.58 -23.91
C ASP A 186 6.80 24.59 -23.65
N SER A 187 6.41 24.28 -22.41
CA SER A 187 5.00 24.28 -22.02
C SER A 187 4.66 25.75 -21.82
N CYS A 188 3.40 26.06 -21.56
CA CYS A 188 3.01 27.45 -21.43
C CYS A 188 1.60 27.62 -20.86
N LYS A 189 1.28 28.84 -20.45
CA LYS A 189 -0.03 29.14 -19.90
C LYS A 189 -1.13 28.24 -20.50
N GLY A 190 -1.92 27.63 -19.60
CA GLY A 190 -3.02 26.76 -20.00
C GLY A 190 -2.61 25.32 -20.08
N ASP A 191 -1.34 25.06 -19.85
CA ASP A 191 -0.83 23.71 -19.90
C ASP A 191 -0.73 23.10 -18.48
N SER A 192 -0.60 23.95 -17.47
CA SER A 192 -0.47 23.49 -16.09
C SER A 192 -1.26 22.21 -15.77
N GLY A 193 -0.70 21.35 -14.93
CA GLY A 193 -1.39 20.13 -14.56
C GLY A 193 -1.22 19.07 -15.61
N GLY A 194 -0.92 19.49 -16.82
CA GLY A 194 -0.75 18.50 -17.86
C GLY A 194 0.27 17.46 -17.46
N PRO A 195 0.18 16.30 -18.05
CA PRO A 195 1.16 15.29 -17.68
C PRO A 195 2.45 15.43 -18.48
N HIS A 196 3.54 15.16 -17.77
CA HIS A 196 4.89 15.13 -18.28
C HIS A 196 5.06 13.59 -18.17
N ALA A 197 4.48 12.89 -19.14
CA ALA A 197 4.49 11.42 -19.15
C ALA A 197 5.77 10.72 -19.62
N THR A 198 6.25 9.74 -18.83
CA THR A 198 7.46 8.99 -19.14
C THR A 198 7.19 7.56 -19.59
N HIS A 199 7.93 7.07 -20.58
CA HIS A 199 7.74 5.71 -21.07
C HIS A 199 8.92 4.87 -20.61
N TYR A 200 8.65 3.66 -20.14
CA TYR A 200 9.69 2.76 -19.65
C TYR A 200 9.30 1.29 -19.71
N ARG A 201 10.12 0.48 -20.35
CA ARG A 201 9.81 -0.94 -20.45
C ARG A 201 8.40 -1.22 -20.94
N GLY A 202 7.79 -0.28 -21.62
CA GLY A 202 6.45 -0.52 -22.15
C GLY A 202 5.25 0.20 -21.59
N THR A 203 5.40 0.88 -20.48
CA THR A 203 4.25 1.56 -19.90
C THR A 203 4.54 3.01 -19.61
N TRP A 204 3.53 3.87 -19.70
CA TRP A 204 3.77 5.27 -19.44
C TRP A 204 3.48 5.45 -17.99
N TYR A 205 4.20 6.35 -17.34
CA TYR A 205 4.06 6.62 -15.91
C TYR A 205 4.09 8.13 -15.81
N LEU A 206 3.78 8.70 -14.67
CA LEU A 206 3.78 10.15 -14.58
C LEU A 206 4.86 10.71 -13.67
N THR A 207 5.70 11.59 -14.20
CA THR A 207 6.76 12.16 -13.39
C THR A 207 6.53 13.63 -13.13
N GLY A 208 5.98 14.34 -14.07
CA GLY A 208 5.79 15.73 -13.77
C GLY A 208 4.42 16.26 -14.08
N ILE A 209 4.16 17.45 -13.59
CA ILE A 209 2.92 18.08 -13.82
C ILE A 209 3.42 19.45 -14.12
N VAL A 210 3.02 19.97 -15.27
CA VAL A 210 3.40 21.29 -15.74
C VAL A 210 3.16 22.33 -14.65
N SER A 211 4.20 23.03 -14.16
CA SER A 211 4.00 24.04 -13.11
C SER A 211 4.18 25.55 -13.45
N TRP A 212 5.38 25.97 -13.86
CA TRP A 212 5.64 27.38 -14.17
C TRP A 212 6.94 27.48 -14.94
N GLY A 213 7.52 28.67 -14.93
CA GLY A 213 8.78 28.87 -15.63
C GLY A 213 8.97 30.35 -15.73
N GLN A 214 9.89 30.78 -16.57
CA GLN A 214 10.10 32.21 -16.72
C GLN A 214 9.94 32.56 -18.17
N GLY A 215 8.68 32.72 -18.57
CA GLY A 215 8.39 33.07 -19.94
C GLY A 215 8.40 31.81 -20.78
N CYS A 216 7.39 31.67 -21.63
CA CYS A 216 7.31 30.50 -22.45
C CYS A 216 8.38 30.48 -23.49
N ALA A 217 9.19 29.44 -23.43
CA ALA A 217 10.29 29.26 -24.35
C ALA A 217 11.19 30.49 -24.42
N THR A 218 11.68 30.92 -23.26
CA THR A 218 12.56 32.07 -23.24
C THR A 218 13.97 31.55 -23.28
N VAL A 219 14.83 32.23 -24.04
CA VAL A 219 16.21 31.82 -24.15
C VAL A 219 16.88 31.84 -22.78
N GLY A 220 17.80 30.91 -22.59
CA GLY A 220 18.50 30.83 -21.33
C GLY A 220 17.58 30.31 -20.25
N HIS A 221 16.36 29.97 -20.64
CA HIS A 221 15.42 29.50 -19.67
C HIS A 221 14.75 28.18 -19.92
N PHE A 222 14.39 27.51 -18.82
CA PHE A 222 13.77 26.19 -18.85
C PHE A 222 12.36 26.20 -18.27
N GLY A 223 11.63 25.11 -18.47
CA GLY A 223 10.29 25.02 -17.92
C GLY A 223 10.36 24.15 -16.68
N VAL A 224 9.79 24.60 -15.58
CA VAL A 224 9.80 23.81 -14.35
C VAL A 224 8.64 22.80 -14.39
N TYR A 225 8.76 21.75 -13.60
CA TYR A 225 7.72 20.72 -13.55
C TYR A 225 7.70 20.15 -12.13
N THR A 226 6.53 20.04 -11.51
CA THR A 226 6.50 19.55 -10.15
C THR A 226 6.98 18.12 -10.10
N ARG A 227 7.79 17.79 -9.10
CA ARG A 227 8.29 16.42 -9.01
C ARG A 227 7.26 15.53 -8.35
N VAL A 228 6.55 14.82 -9.21
CA VAL A 228 5.51 13.92 -8.77
C VAL A 228 6.07 13.04 -7.67
N SER A 229 7.09 12.26 -7.99
CA SER A 229 7.69 11.37 -7.01
C SER A 229 7.52 11.83 -5.58
N GLN A 230 7.78 13.10 -5.29
CA GLN A 230 7.67 13.56 -3.91
C GLN A 230 6.30 13.50 -3.24
N TYR A 231 5.28 13.66 -4.07
CA TYR A 231 3.92 13.67 -3.57
C TYR A 231 3.24 12.34 -3.50
N ILE A 232 3.77 11.40 -4.25
CA ILE A 232 3.22 10.08 -4.31
C ILE A 232 2.64 9.60 -2.99
N GLU A 233 3.47 9.46 -1.96
CA GLU A 233 2.95 8.99 -0.68
C GLU A 233 1.67 9.71 -0.30
N TRP A 234 1.70 11.02 -0.46
CA TRP A 234 0.57 11.88 -0.14
C TRP A 234 -0.66 11.75 -1.03
N LEU A 235 -0.45 11.25 -2.24
CA LEU A 235 -1.53 11.08 -3.20
C LEU A 235 -2.24 9.78 -2.96
N GLN A 236 -1.49 8.73 -2.67
CA GLN A 236 -2.11 7.43 -2.43
C GLN A 236 -2.83 7.43 -1.09
N LYS A 237 -2.35 8.27 -0.17
CA LYS A 237 -2.98 8.42 1.13
C LYS A 237 -4.38 8.97 0.84
N LEU A 238 -4.41 10.18 0.30
CA LEU A 238 -5.66 10.84 -0.01
C LEU A 238 -6.65 10.14 -0.93
N MET A 239 -6.27 8.99 -1.48
CA MET A 239 -7.19 8.27 -2.36
C MET A 239 -7.97 7.26 -1.53
N ARG A 240 -7.42 6.96 -0.36
CA ARG A 240 -8.01 6.03 0.58
C ARG A 240 -8.72 6.84 1.66
N SER A 241 -8.66 8.14 1.51
CA SER A 241 -9.28 9.00 2.49
C SER A 241 -10.79 8.95 2.43
N GLU A 242 -11.36 9.12 3.62
CA GLU A 242 -12.77 9.20 3.78
C GLU A 242 -13.11 10.49 3.02
N PRO A 243 -13.91 10.38 1.96
CA PRO A 243 -14.28 11.59 1.20
C PRO A 243 -14.81 12.67 2.12
N ARG A 244 -14.30 13.88 1.99
CA ARG A 244 -14.74 14.99 2.84
C ARG A 244 -15.81 15.85 2.12
N PRO A 245 -16.50 16.76 2.85
CA PRO A 245 -17.55 17.67 2.35
C PRO A 245 -17.14 18.80 1.36
N GLY A 246 -16.59 19.90 1.90
CA GLY A 246 -16.18 21.03 1.07
C GLY A 246 -15.39 20.68 -0.17
N VAL A 247 -15.44 21.54 -1.18
CA VAL A 247 -14.73 21.26 -2.43
C VAL A 247 -13.22 21.34 -2.24
N LEU A 248 -12.74 22.48 -1.76
CA LEU A 248 -11.31 22.63 -1.57
C LEU A 248 -10.94 22.06 -0.24
N LEU A 249 -9.82 21.36 -0.18
CA LEU A 249 -9.39 20.81 1.09
C LEU A 249 -7.87 20.83 1.20
N ARG A 250 -7.36 21.53 2.18
CA ARG A 250 -5.93 21.62 2.36
C ARG A 250 -5.38 20.52 3.27
N ALA A 251 -5.20 19.33 2.68
CA ALA A 251 -4.66 18.18 3.40
C ALA A 251 -3.34 18.58 4.01
N PRO A 252 -2.95 17.93 5.11
CA PRO A 252 -1.69 18.33 5.71
C PRO A 252 -0.56 17.62 4.97
N PHE A 253 0.59 18.29 4.90
CA PHE A 253 1.77 17.77 4.24
C PHE A 253 3.01 17.77 5.13
N PRO A 254 3.81 16.69 5.08
CA PRO A 254 3.60 15.49 4.28
C PRO A 254 2.35 14.70 4.67
N ILE B 1 -1.89 -39.22 9.96
CA ILE B 1 -1.21 -38.03 9.49
C ILE B 1 0.29 -38.26 9.37
N SER B 2 0.90 -38.75 10.46
CA SER B 2 2.32 -39.02 10.49
C SER B 2 2.66 -40.30 9.72
N TYR B 3 1.67 -41.17 9.55
CA TYR B 3 1.90 -42.42 8.83
C TYR B 3 1.83 -42.17 7.33
N SER B 4 0.71 -41.62 6.87
CA SER B 4 0.54 -41.32 5.46
C SER B 4 1.67 -40.38 5.06
N ASP B 5 2.30 -39.83 6.08
CA ASP B 5 3.41 -38.89 5.92
C ASP B 5 4.59 -39.43 5.12
N GLY B 6 5.52 -40.13 5.79
CA GLY B 6 6.69 -40.68 5.10
C GLY B 6 7.81 -39.66 4.99
N ASP B 7 8.98 -40.06 4.46
CA ASP B 7 10.12 -39.12 4.35
C ASP B 7 10.21 -38.44 2.98
N GLN B 8 9.75 -37.19 2.89
CA GLN B 8 9.77 -36.45 1.64
C GLN B 8 11.16 -36.01 1.19
N CYS B 9 12.11 -36.00 2.11
CA CYS B 9 13.48 -35.61 1.80
C CYS B 9 14.22 -36.71 1.01
N ALA B 10 13.53 -37.80 0.72
CA ALA B 10 14.11 -38.91 -0.01
C ALA B 10 14.53 -38.59 -1.46
N SER B 11 13.77 -37.75 -2.15
CA SER B 11 14.13 -37.39 -3.53
C SER B 11 15.31 -36.37 -3.59
N SER B 12 15.96 -36.15 -2.44
CA SER B 12 17.09 -35.21 -2.34
C SER B 12 16.89 -33.93 -3.14
N PRO B 13 15.69 -33.32 -3.06
CA PRO B 13 15.40 -32.09 -3.81
C PRO B 13 16.35 -30.93 -3.57
N CYS B 14 17.03 -30.94 -2.44
CA CYS B 14 17.96 -29.87 -2.14
C CYS B 14 19.22 -29.98 -2.99
N GLN B 15 19.38 -29.01 -3.89
CA GLN B 15 20.52 -28.97 -4.80
C GLN B 15 21.75 -28.24 -4.25
N ASN B 16 22.75 -28.06 -5.10
CA ASN B 16 24.01 -27.37 -4.74
C ASN B 16 24.49 -27.67 -3.32
N GLY B 17 24.08 -28.83 -2.82
CA GLY B 17 24.48 -29.27 -1.50
C GLY B 17 23.84 -28.61 -0.31
N GLY B 18 22.51 -28.53 -0.31
CA GLY B 18 21.81 -27.89 0.79
C GLY B 18 21.22 -28.90 1.75
N SER B 19 20.82 -28.46 2.93
CA SER B 19 20.24 -29.37 3.91
C SER B 19 18.80 -29.49 3.64
N CYS B 20 18.26 -30.69 3.86
CA CYS B 20 16.83 -30.98 3.67
C CYS B 20 16.15 -31.34 4.98
N LYS B 21 15.11 -30.58 5.33
CA LYS B 21 14.37 -30.81 6.57
C LYS B 21 13.05 -31.45 6.20
N ASP B 22 12.91 -32.72 6.53
CA ASP B 22 11.69 -33.46 6.24
C ASP B 22 10.52 -32.84 6.99
N GLN B 23 9.37 -32.76 6.35
CA GLN B 23 8.20 -32.15 6.97
C GLN B 23 6.86 -32.79 6.56
N LEU B 24 5.75 -32.19 6.99
CA LEU B 24 4.43 -32.71 6.67
C LEU B 24 4.01 -32.57 5.20
N GLN B 25 3.98 -33.69 4.49
CA GLN B 25 3.60 -33.67 3.08
C GLN B 25 4.35 -32.61 2.32
N SER B 26 5.59 -32.34 2.76
CA SER B 26 6.46 -31.35 2.13
C SER B 26 7.87 -31.35 2.74
N TYR B 27 8.75 -30.46 2.27
CA TYR B 27 10.13 -30.38 2.78
C TYR B 27 10.70 -28.98 2.58
N ILE B 28 11.80 -28.69 3.28
CA ILE B 28 12.46 -27.39 3.18
C ILE B 28 13.95 -27.55 2.94
N CYS B 29 14.50 -26.73 2.05
CA CYS B 29 15.91 -26.80 1.71
C CYS B 29 16.70 -25.69 2.34
N PHE B 30 17.74 -26.03 3.09
CA PHE B 30 18.54 -24.99 3.69
C PHE B 30 19.68 -24.91 2.73
N CYS B 31 19.93 -23.71 2.25
CA CYS B 31 20.96 -23.51 1.27
C CYS B 31 22.24 -22.94 1.81
N LEU B 32 23.22 -22.86 0.92
CA LEU B 32 24.50 -22.27 1.20
C LEU B 32 24.29 -20.81 0.82
N PRO B 33 25.16 -19.92 1.31
CA PRO B 33 25.06 -18.48 1.01
C PRO B 33 24.99 -18.24 -0.48
N ALA B 34 25.92 -18.88 -1.17
CA ALA B 34 26.03 -18.75 -2.60
C ALA B 34 24.77 -19.22 -3.36
N PHE B 35 23.79 -19.80 -2.67
CA PHE B 35 22.62 -20.28 -3.40
C PHE B 35 21.26 -19.87 -2.86
N GLU B 36 20.24 -20.05 -3.71
CA GLU B 36 18.83 -19.71 -3.40
C GLU B 36 17.85 -20.61 -4.19
N GLY B 37 16.58 -20.63 -3.74
CA GLY B 37 15.55 -21.45 -4.39
C GLY B 37 14.81 -22.45 -3.50
N ARG B 38 13.60 -22.84 -3.91
CA ARG B 38 12.82 -23.80 -3.14
C ARG B 38 13.77 -24.98 -2.95
N ASN B 39 14.53 -25.23 -4.00
CA ASN B 39 15.51 -26.30 -4.04
C ASN B 39 16.88 -25.73 -4.35
N CYS B 40 17.20 -24.57 -3.77
CA CYS B 40 18.49 -23.90 -3.97
C CYS B 40 19.04 -24.11 -5.39
N GLU B 41 18.15 -24.24 -6.38
CA GLU B 41 18.53 -24.50 -7.77
C GLU B 41 19.16 -23.35 -8.57
N THR B 42 19.32 -22.20 -7.93
CA THR B 42 19.87 -21.03 -8.60
C THR B 42 21.07 -20.45 -7.85
N HIS B 43 21.82 -19.58 -8.54
CA HIS B 43 23.02 -18.91 -7.99
C HIS B 43 22.75 -17.43 -7.61
N LYS B 44 23.10 -17.07 -6.36
CA LYS B 44 22.88 -15.71 -5.79
C LYS B 44 23.54 -14.47 -6.42
N ASP B 45 23.01 -13.94 -7.54
CA ASP B 45 23.66 -12.77 -8.14
C ASP B 45 23.75 -11.62 -7.15
N ASP B 46 24.97 -11.25 -6.80
CA ASP B 46 25.22 -10.20 -5.83
C ASP B 46 24.79 -8.82 -6.25
N GLN B 47 24.79 -8.58 -7.56
CA GLN B 47 24.42 -7.28 -8.12
C GLN B 47 23.01 -7.29 -8.74
N LEU B 48 22.09 -8.01 -8.11
CA LEU B 48 20.74 -8.07 -8.60
C LEU B 48 19.89 -7.22 -7.68
N ILE B 49 20.55 -6.39 -6.88
CA ILE B 49 19.82 -5.53 -5.96
C ILE B 49 19.22 -4.42 -6.79
N CYS B 50 17.92 -4.17 -6.59
CA CYS B 50 17.09 -3.15 -7.26
C CYS B 50 17.74 -1.90 -7.88
N VAL B 51 18.57 -1.20 -7.12
CA VAL B 51 19.21 0.02 -7.62
C VAL B 51 19.99 -0.14 -8.93
N ASN B 52 20.38 -1.38 -9.26
CA ASN B 52 21.14 -1.73 -10.47
C ASN B 52 20.24 -2.30 -11.57
N GLU B 53 19.86 -1.44 -12.53
CA GLU B 53 18.99 -1.78 -13.67
C GLU B 53 17.60 -2.18 -13.22
N ASN B 54 17.22 -1.74 -12.02
CA ASN B 54 15.93 -2.09 -11.43
C ASN B 54 15.80 -3.63 -11.28
N GLY B 55 16.91 -4.27 -10.92
CA GLY B 55 16.97 -5.69 -10.72
C GLY B 55 16.42 -6.48 -11.89
N GLY B 56 16.31 -5.84 -13.05
CA GLY B 56 15.78 -6.50 -14.23
C GLY B 56 14.26 -6.39 -14.25
N CYS B 57 13.72 -5.98 -13.12
CA CYS B 57 12.28 -5.80 -12.96
C CYS B 57 11.69 -4.93 -14.07
N GLU B 58 10.66 -5.42 -14.77
CA GLU B 58 10.04 -4.61 -15.83
C GLU B 58 9.29 -3.38 -15.26
N GLN B 59 8.68 -3.53 -14.07
CA GLN B 59 7.93 -2.44 -13.44
C GLN B 59 8.43 -2.03 -12.06
N TYR B 60 8.12 -2.83 -11.04
CA TYR B 60 8.59 -2.47 -9.72
C TYR B 60 9.53 -3.50 -9.17
N CYS B 61 10.34 -3.12 -8.21
CA CYS B 61 11.30 -4.05 -7.67
C CYS B 61 11.46 -3.81 -6.19
N SER B 62 11.60 -4.86 -5.40
CA SER B 62 11.82 -4.65 -3.97
C SER B 62 12.88 -5.61 -3.43
N ASP B 63 13.75 -5.07 -2.57
CA ASP B 63 14.85 -5.83 -1.98
C ASP B 63 14.47 -6.46 -0.65
N HIS B 64 15.08 -7.60 -0.36
CA HIS B 64 14.82 -8.32 0.87
C HIS B 64 16.12 -8.84 1.50
N THR B 65 16.57 -8.20 2.58
CA THR B 65 17.81 -8.61 3.27
C THR B 65 17.80 -10.12 3.32
N GLY B 66 18.71 -10.77 2.60
CA GLY B 66 18.77 -12.22 2.58
C GLY B 66 17.92 -13.06 1.60
N THR B 67 17.25 -12.42 0.64
CA THR B 67 16.44 -13.12 -0.37
C THR B 67 16.57 -12.39 -1.71
N LYS B 68 16.57 -13.14 -2.81
CA LYS B 68 16.70 -12.51 -4.13
C LYS B 68 15.57 -11.51 -4.32
N ARG B 69 15.91 -10.32 -4.82
CA ARG B 69 14.88 -9.30 -5.03
C ARG B 69 13.73 -9.89 -5.79
N SER B 70 12.53 -9.42 -5.48
CA SER B 70 11.36 -9.89 -6.18
C SER B 70 10.86 -8.70 -6.94
N CYS B 71 10.22 -8.97 -8.06
CA CYS B 71 9.65 -7.91 -8.87
C CYS B 71 8.13 -7.90 -8.65
N ARG B 72 7.50 -6.76 -8.84
CA ARG B 72 6.07 -6.70 -8.65
C ARG B 72 5.44 -6.02 -9.85
N CYS B 73 4.17 -5.66 -9.68
CA CYS B 73 3.44 -4.97 -10.73
C CYS B 73 2.53 -3.90 -10.12
N HIS B 74 1.86 -3.17 -11.00
CA HIS B 74 0.93 -2.09 -10.67
C HIS B 74 -0.49 -2.63 -10.87
N GLU B 75 -1.47 -2.03 -10.21
CA GLU B 75 -2.85 -2.49 -10.34
C GLU B 75 -3.18 -2.89 -11.75
N GLY B 76 -4.14 -3.80 -11.90
CA GLY B 76 -4.53 -4.24 -13.24
C GLY B 76 -3.41 -4.89 -14.03
N TYR B 77 -2.34 -5.25 -13.33
CA TYR B 77 -1.18 -5.91 -13.92
C TYR B 77 -0.82 -7.05 -12.97
N SER B 78 -0.27 -8.14 -13.50
CA SER B 78 0.10 -9.25 -12.67
C SER B 78 1.45 -9.80 -13.08
N LEU B 79 2.19 -10.28 -12.09
CA LEU B 79 3.51 -10.85 -12.32
C LEU B 79 3.36 -11.93 -13.36
N LEU B 80 4.19 -11.85 -14.39
CA LEU B 80 4.14 -12.84 -15.44
C LEU B 80 5.05 -13.98 -15.04
N ALA B 81 5.08 -14.99 -15.92
CA ALA B 81 5.88 -16.19 -15.68
C ALA B 81 7.25 -15.83 -15.14
N ASP B 82 8.13 -15.42 -16.05
CA ASP B 82 9.51 -15.02 -15.74
C ASP B 82 9.77 -14.39 -14.36
N GLY B 83 8.76 -13.81 -13.75
CA GLY B 83 8.96 -13.18 -12.46
C GLY B 83 9.61 -11.83 -12.65
N VAL B 84 9.56 -11.30 -13.87
CA VAL B 84 10.12 -9.99 -14.19
C VAL B 84 9.17 -9.20 -15.08
N SER B 85 8.24 -9.91 -15.69
CA SER B 85 7.28 -9.29 -16.59
C SER B 85 5.92 -8.99 -15.98
N CYS B 86 5.21 -8.03 -16.55
CA CYS B 86 3.89 -7.74 -16.05
C CYS B 86 2.94 -7.73 -17.21
N THR B 87 1.93 -8.57 -17.09
CA THR B 87 0.89 -8.67 -18.05
C THR B 87 -0.29 -8.07 -17.31
N PRO B 88 -1.23 -7.46 -18.02
CA PRO B 88 -2.37 -6.84 -17.36
C PRO B 88 -3.54 -7.72 -17.00
N THR B 89 -4.21 -7.39 -15.90
CA THR B 89 -5.41 -8.12 -15.46
C THR B 89 -6.70 -7.42 -15.91
N VAL B 90 -6.61 -6.15 -16.28
CA VAL B 90 -7.81 -5.40 -16.70
C VAL B 90 -7.83 -5.16 -18.19
N GLU B 91 -8.91 -4.54 -18.67
CA GLU B 91 -9.00 -4.30 -20.09
C GLU B 91 -8.33 -3.02 -20.58
N TYR B 92 -8.11 -2.09 -19.66
CA TYR B 92 -7.47 -0.83 -19.96
C TYR B 92 -6.57 -0.50 -18.79
N PRO B 93 -5.31 -1.01 -18.79
CA PRO B 93 -4.32 -0.80 -17.73
C PRO B 93 -3.70 0.58 -17.96
N CYS B 94 -3.03 1.15 -16.96
CA CYS B 94 -2.48 2.48 -17.16
C CYS B 94 -1.19 2.49 -17.95
N GLY B 95 -0.95 3.59 -18.65
CA GLY B 95 0.28 3.72 -19.41
C GLY B 95 0.34 2.93 -20.70
N LYS B 96 -0.79 2.40 -21.14
CA LYS B 96 -0.81 1.65 -22.40
C LYS B 96 -1.86 2.29 -23.29
N ILE B 97 -1.48 2.58 -24.54
CA ILE B 97 -2.39 3.21 -25.51
C ILE B 97 -3.12 2.16 -26.32
N PRO B 98 -4.45 2.12 -26.22
CA PRO B 98 -5.27 1.15 -26.93
C PRO B 98 -5.29 1.25 -28.42
N ILE B 99 -5.31 2.48 -28.95
CA ILE B 99 -5.34 2.56 -30.39
C ILE B 99 -4.03 1.98 -30.95
N LEU B 100 -3.02 1.74 -30.09
CA LEU B 100 -1.75 1.17 -30.55
C LEU B 100 -1.63 -0.37 -30.41
N GLU B 101 -1.93 -0.90 -29.22
CA GLU B 101 -1.83 -2.35 -29.03
C GLU B 101 -2.80 -3.16 -29.92
C ACE C 1 -15.81 33.16 -21.28
O ACE C 1 -16.94 33.55 -21.01
CH3 ACE C 1 -14.64 34.09 -21.49
N ALA C 2 -15.49 31.89 -21.40
CA ALA C 2 -16.40 30.77 -21.30
C ALA C 2 -16.06 30.28 -22.68
N LEU C 3 -15.94 28.97 -22.86
CA LEU C 3 -15.57 28.47 -24.16
C LEU C 3 -16.72 28.59 -25.14
N CYS C 4 -17.95 28.43 -24.66
CA CYS C 4 -19.12 28.53 -25.53
C CYS C 4 -19.10 29.85 -26.29
N ASP C 5 -18.70 30.92 -25.64
CA ASP C 5 -18.64 32.22 -26.29
C ASP C 5 -17.93 32.18 -27.64
N ASP C 6 -17.01 31.23 -27.82
CA ASP C 6 -16.21 31.13 -29.04
C ASP C 6 -16.85 30.33 -30.19
N PRO C 7 -17.07 30.98 -31.32
CA PRO C 7 -17.67 30.37 -32.51
C PRO C 7 -17.01 29.12 -33.08
N ARG C 8 -15.71 28.98 -32.93
CA ARG C 8 -15.10 27.80 -33.54
C ARG C 8 -15.08 26.59 -32.62
N VAL C 9 -16.00 26.56 -31.66
CA VAL C 9 -16.04 25.46 -30.71
C VAL C 9 -17.18 24.48 -30.79
N ASP C 10 -16.88 23.24 -30.46
CA ASP C 10 -17.87 22.20 -30.42
C ASP C 10 -18.96 22.79 -29.57
N ARG C 11 -20.20 22.72 -30.03
CA ARG C 11 -21.28 23.31 -29.27
C ARG C 11 -21.64 22.59 -27.98
N TRP C 12 -20.96 21.47 -27.76
CA TRP C 12 -21.13 20.62 -26.59
C TRP C 12 -20.61 21.34 -25.37
N TYR C 13 -19.71 22.27 -25.63
CA TYR C 13 -19.10 22.98 -24.56
C TYR C 13 -20.03 24.03 -23.98
N CYS C 14 -21.29 24.02 -24.44
CA CYS C 14 -22.25 25.02 -23.95
C CYS C 14 -23.09 24.51 -22.82
N GLN C 15 -23.18 23.20 -22.72
CA GLN C 15 -23.96 22.62 -21.65
C GLN C 15 -23.33 23.01 -20.31
N PHE C 16 -22.09 23.46 -20.31
CA PHE C 16 -21.49 23.77 -19.04
C PHE C 16 -21.44 25.22 -18.74
N VAL C 17 -22.22 26.03 -19.46
CA VAL C 17 -22.19 27.48 -19.21
C VAL C 17 -23.30 28.04 -18.36
N GLU C 18 -24.37 28.40 -19.07
CA GLU C 18 -25.56 28.98 -18.48
C GLU C 18 -26.25 27.77 -17.92
N GLY C 19 -27.00 27.90 -16.92
N ILE D 1 0.56 -16.73 31.73
CA ILE D 1 -0.89 -16.93 31.49
C ILE D 1 -1.54 -17.58 32.69
N VAL D 2 -2.80 -17.24 32.93
CA VAL D 2 -3.55 -17.82 34.02
C VAL D 2 -4.76 -18.49 33.49
N GLY D 3 -5.10 -19.62 34.07
CA GLY D 3 -6.27 -20.32 33.60
C GLY D 3 -6.15 -20.82 32.17
N GLY D 4 -4.92 -20.92 31.67
CA GLY D 4 -4.75 -21.40 30.32
C GLY D 4 -4.63 -22.90 30.13
N LYS D 5 -4.38 -23.29 28.89
CA LYS D 5 -4.18 -24.68 28.51
C LYS D 5 -2.94 -24.59 27.60
N VAL D 6 -2.09 -25.62 27.59
CA VAL D 6 -0.91 -25.60 26.71
C VAL D 6 -1.34 -25.54 25.23
N CYS D 7 -0.56 -24.82 24.43
CA CYS D 7 -0.86 -24.65 23.03
C CYS D 7 -0.27 -25.73 22.23
N PRO D 8 -1.13 -26.55 21.62
CA PRO D 8 -0.63 -27.65 20.80
C PRO D 8 0.53 -27.13 19.96
N LYS D 9 1.67 -27.80 20.09
CA LYS D 9 2.89 -27.42 19.40
C LYS D 9 2.68 -27.12 17.95
N GLY D 10 2.96 -25.87 17.57
CA GLY D 10 2.79 -25.48 16.20
C GLY D 10 1.39 -24.95 15.96
N GLU D 11 0.64 -24.74 17.04
CA GLU D 11 -0.72 -24.20 16.96
C GLU D 11 -0.63 -22.78 17.45
N CYS D 12 0.61 -22.31 17.55
CA CYS D 12 0.90 -20.99 17.99
C CYS D 12 2.22 -20.60 17.27
N PRO D 13 2.35 -20.97 15.99
CA PRO D 13 3.57 -20.66 15.25
C PRO D 13 4.01 -19.24 15.11
N TRP D 14 3.20 -18.27 15.52
CA TRP D 14 3.62 -16.86 15.40
C TRP D 14 4.06 -16.25 16.71
N GLN D 15 4.14 -17.08 17.75
CA GLN D 15 4.58 -16.57 19.03
C GLN D 15 6.08 -16.52 19.02
N VAL D 16 6.58 -15.48 19.64
CA VAL D 16 7.99 -15.26 19.73
C VAL D 16 8.35 -15.16 21.22
N LEU D 17 9.58 -15.49 21.56
CA LEU D 17 9.97 -15.33 22.95
C LEU D 17 11.16 -14.38 22.90
N LEU D 18 11.05 -13.20 23.52
CA LEU D 18 12.13 -12.19 23.45
C LEU D 18 13.09 -12.17 24.62
N LEU D 19 14.38 -12.38 24.37
CA LEU D 19 15.37 -12.38 25.45
C LEU D 19 16.31 -11.17 25.45
N VAL D 20 16.81 -10.82 26.62
CA VAL D 20 17.75 -9.74 26.75
C VAL D 20 18.82 -10.35 27.59
N ASN D 21 19.86 -10.85 26.97
CA ASN D 21 20.97 -11.45 27.68
C ASN D 21 20.50 -12.78 28.26
N GLY D 22 20.00 -13.64 27.39
CA GLY D 22 19.54 -14.95 27.76
C GLY D 22 18.38 -14.95 28.73
N ALA D 23 17.91 -13.76 29.06
CA ALA D 23 16.82 -13.62 30.00
C ALA D 23 15.47 -13.48 29.32
N GLN D 24 14.42 -13.78 30.07
CA GLN D 24 13.08 -13.63 29.53
C GLN D 24 12.76 -12.15 29.65
N LEU D 25 12.32 -11.56 28.54
CA LEU D 25 11.93 -10.16 28.56
C LEU D 25 10.43 -10.06 28.37
N CYS D 26 9.94 -10.62 27.28
CA CYS D 26 8.52 -10.57 26.96
C CYS D 26 8.22 -11.59 25.86
N GLY D 27 7.10 -11.37 25.20
CA GLY D 27 6.67 -12.20 24.09
C GLY D 27 6.46 -11.23 22.92
N GLY D 28 6.05 -11.75 21.77
CA GLY D 28 5.83 -10.87 20.64
C GLY D 28 5.33 -11.71 19.52
N THR D 29 4.83 -11.06 18.46
CA THR D 29 4.29 -11.78 17.29
C THR D 29 5.15 -11.71 16.05
N LEU D 30 5.01 -12.71 15.21
CA LEU D 30 5.78 -12.69 14.01
C LEU D 30 4.86 -12.40 12.84
N ILE D 31 4.98 -11.23 12.22
CA ILE D 31 4.08 -10.94 11.12
C ILE D 31 4.60 -11.42 9.77
N ASN D 32 5.91 -11.31 9.56
CA ASN D 32 6.50 -11.77 8.31
C ASN D 32 7.87 -12.25 8.70
N THR D 33 8.54 -12.90 7.75
CA THR D 33 9.86 -13.44 7.97
C THR D 33 10.91 -12.49 8.51
N ILE D 34 10.56 -11.26 8.91
CA ILE D 34 11.59 -10.35 9.37
C ILE D 34 11.12 -9.42 10.47
N TRP D 35 9.83 -9.18 10.49
CA TRP D 35 9.29 -8.26 11.47
C TRP D 35 8.55 -8.91 12.63
N VAL D 36 8.53 -8.20 13.73
CA VAL D 36 7.92 -8.71 14.92
C VAL D 36 7.32 -7.61 15.77
N VAL D 37 6.01 -7.65 15.99
CA VAL D 37 5.40 -6.64 16.85
C VAL D 37 5.43 -7.15 18.28
N SER D 38 5.39 -6.22 19.22
CA SER D 38 5.42 -6.61 20.60
C SER D 38 5.11 -5.34 21.35
N ALA D 39 4.93 -5.46 22.66
CA ALA D 39 4.62 -4.31 23.48
C ALA D 39 5.83 -3.40 23.68
N ALA D 40 5.57 -2.10 23.60
CA ALA D 40 6.62 -1.13 23.75
C ALA D 40 7.25 -1.15 25.12
N HIS D 41 6.44 -1.37 26.15
CA HIS D 41 7.00 -1.26 27.47
C HIS D 41 8.09 -2.21 27.90
N CYS D 42 8.40 -3.23 27.08
CA CYS D 42 9.46 -4.16 27.45
C CYS D 42 10.83 -3.51 27.34
N PHE D 43 10.93 -2.57 26.40
CA PHE D 43 12.17 -1.86 26.15
C PHE D 43 12.20 -0.54 26.86
N ASP D 44 11.89 -0.59 28.15
CA ASP D 44 11.85 0.61 28.97
C ASP D 44 13.13 0.64 29.78
N LYS D 45 13.54 -0.51 30.31
CA LYS D 45 14.75 -0.56 31.12
C LYS D 45 15.92 -1.26 30.42
N ILE D 46 15.87 -1.32 29.09
CA ILE D 46 16.93 -1.96 28.32
C ILE D 46 18.18 -1.06 28.28
N LYS D 47 19.27 -1.59 28.80
CA LYS D 47 20.55 -0.87 28.82
C LYS D 47 21.50 -1.54 27.84
N ASN D 48 21.53 -2.86 27.86
CA ASN D 48 22.40 -3.55 26.95
C ASN D 48 21.64 -3.83 25.66
N TRP D 49 21.40 -2.78 24.87
CA TRP D 49 20.67 -2.87 23.60
C TRP D 49 21.25 -3.82 22.53
N ARG D 50 22.55 -4.08 22.60
CA ARG D 50 23.16 -4.95 21.59
C ARG D 50 22.80 -6.40 21.78
N ASN D 51 22.31 -6.76 22.96
CA ASN D 51 22.02 -8.16 23.27
C ASN D 51 20.56 -8.62 23.21
N LEU D 52 19.79 -8.18 22.22
CA LEU D 52 18.39 -8.59 22.11
C LEU D 52 18.13 -9.76 21.15
N ILE D 53 17.84 -10.94 21.70
CA ILE D 53 17.56 -12.11 20.87
C ILE D 53 16.05 -12.27 20.69
N ALA D 54 15.64 -13.12 19.75
CA ALA D 54 14.22 -13.35 19.49
C ALA D 54 14.07 -14.77 19.03
N VAL D 55 13.67 -15.63 19.95
CA VAL D 55 13.49 -17.05 19.72
C VAL D 55 12.12 -17.35 19.17
N LEU D 56 12.10 -18.02 18.02
CA LEU D 56 10.88 -18.43 17.35
C LEU D 56 10.97 -19.91 17.15
N GLY D 57 9.81 -20.57 17.17
CA GLY D 57 9.75 -22.01 17.00
C GLY D 57 9.66 -22.68 18.37
N GLU D 58 9.82 -21.89 19.43
CA GLU D 58 9.79 -22.43 20.76
C GLU D 58 8.44 -22.96 21.13
N HIS D 59 8.42 -23.69 22.24
CA HIS D 59 7.20 -24.27 22.78
C HIS D 59 7.50 -24.60 24.23
N ASP D 60 8.28 -25.66 24.41
CA ASP D 60 8.71 -26.18 25.70
C ASP D 60 10.17 -25.80 26.01
N LEU D 61 10.42 -24.76 26.80
CA LEU D 61 11.82 -24.41 27.02
C LEU D 61 12.64 -25.39 27.86
N SER D 62 12.14 -26.60 28.05
CA SER D 62 12.89 -27.53 28.89
C SER D 62 13.58 -28.60 28.11
N GLU D 63 13.15 -28.79 26.86
CA GLU D 63 13.73 -29.80 25.96
C GLU D 63 13.97 -29.22 24.56
N HIS D 64 14.71 -29.94 23.72
CA HIS D 64 14.95 -29.42 22.40
C HIS D 64 14.26 -30.22 21.32
N ASP D 65 13.87 -29.53 20.25
CA ASP D 65 13.22 -30.14 19.09
C ASP D 65 13.51 -29.18 17.93
N GLY D 66 14.46 -29.54 17.06
CA GLY D 66 14.83 -28.70 15.94
C GLY D 66 13.71 -27.89 15.33
N ASP D 67 13.35 -26.78 15.96
CA ASP D 67 12.28 -25.96 15.47
C ASP D 67 12.62 -24.60 15.96
N GLU D 68 13.44 -24.55 16.99
CA GLU D 68 13.81 -23.27 17.54
C GLU D 68 14.82 -22.57 16.62
N GLN D 69 14.63 -21.26 16.48
CA GLN D 69 15.46 -20.44 15.62
C GLN D 69 15.83 -19.17 16.37
N SER D 70 17.08 -18.77 16.33
CA SER D 70 17.43 -17.54 17.02
C SER D 70 17.71 -16.51 15.95
N ARG D 71 17.47 -15.24 16.27
CA ARG D 71 17.71 -14.15 15.35
C ARG D 71 17.95 -12.90 16.17
N ARG D 72 18.94 -12.10 15.79
CA ARG D 72 19.22 -10.90 16.55
C ARG D 72 18.12 -9.89 16.27
N VAL D 73 18.02 -8.84 17.08
CA VAL D 73 16.99 -7.80 16.87
C VAL D 73 17.66 -6.45 16.59
N ALA D 74 17.79 -6.07 15.32
CA ALA D 74 18.46 -4.82 14.96
C ALA D 74 17.80 -3.57 15.44
N GLN D 75 16.47 -3.55 15.36
CA GLN D 75 15.72 -2.37 15.78
C GLN D 75 14.51 -2.66 16.60
N VAL D 76 14.21 -1.71 17.47
CA VAL D 76 13.05 -1.77 18.33
C VAL D 76 12.45 -0.38 18.20
N ILE D 77 11.48 -0.24 17.29
CA ILE D 77 10.82 1.04 17.06
C ILE D 77 9.50 1.15 17.80
N ILE D 78 9.26 2.34 18.35
CA ILE D 78 8.01 2.56 19.09
C ILE D 78 7.56 4.00 18.98
N PRO D 79 6.26 4.22 19.17
CA PRO D 79 5.59 5.52 19.11
C PRO D 79 6.37 6.68 19.72
N SER D 80 6.42 7.77 18.96
CA SER D 80 7.08 8.98 19.40
C SER D 80 6.31 9.47 20.61
N THR D 81 5.02 9.11 20.62
CA THR D 81 4.10 9.48 21.70
C THR D 81 4.26 8.55 22.90
N TYR D 82 4.73 7.34 22.65
CA TYR D 82 4.91 6.45 23.76
C TYR D 82 5.75 7.17 24.80
N VAL D 83 5.17 7.27 25.98
CA VAL D 83 5.84 7.93 27.08
C VAL D 83 6.21 6.89 28.13
N PRO D 84 7.49 6.54 28.23
CA PRO D 84 7.92 5.54 29.20
C PRO D 84 7.12 5.50 30.52
N GLY D 85 6.77 4.29 30.97
CA GLY D 85 6.04 4.13 32.22
C GLY D 85 4.55 4.46 32.24
N THR D 86 3.93 4.56 31.07
CA THR D 86 2.49 4.87 30.97
C THR D 86 1.75 3.78 30.19
N THR D 87 0.42 3.84 30.16
CA THR D 87 -0.33 2.82 29.46
C THR D 87 -0.64 3.07 28.01
N ASN D 88 -0.54 4.32 27.56
CA ASN D 88 -0.86 4.61 26.17
C ASN D 88 0.23 4.32 25.15
N HIS D 89 -0.20 3.71 24.02
CA HIS D 89 0.67 3.33 22.92
C HIS D 89 1.72 2.32 23.38
N ASP D 90 1.25 1.12 23.75
CA ASP D 90 2.12 0.07 24.22
C ASP D 90 2.38 -0.86 23.06
N ILE D 91 3.15 -0.39 22.07
CA ILE D 91 3.46 -1.19 20.88
C ILE D 91 4.90 -0.96 20.33
N ALA D 92 5.46 -1.95 19.64
CA ALA D 92 6.81 -1.80 19.12
C ALA D 92 7.03 -2.71 17.95
N LEU D 93 7.70 -2.15 16.95
CA LEU D 93 7.98 -2.92 15.74
C LEU D 93 9.41 -3.39 15.85
N LEU D 94 9.68 -4.63 15.45
CA LEU D 94 11.02 -5.16 15.56
C LEU D 94 11.60 -5.70 14.23
N ARG D 95 12.77 -5.17 13.89
CA ARG D 95 13.47 -5.56 12.70
C ARG D 95 14.53 -6.59 13.13
N LEU D 96 14.46 -7.79 12.55
CA LEU D 96 15.42 -8.89 12.83
C LEU D 96 16.63 -8.94 11.85
N HIS D 97 17.84 -9.02 12.39
CA HIS D 97 19.06 -9.06 11.58
C HIS D 97 18.88 -9.87 10.31
N GLN D 98 18.51 -11.13 10.46
CA GLN D 98 18.31 -11.99 9.33
C GLN D 98 16.91 -12.58 9.44
N PRO D 99 16.22 -12.81 8.31
CA PRO D 99 14.88 -13.38 8.35
C PRO D 99 14.88 -14.80 8.88
N VAL D 100 13.75 -15.16 9.50
CA VAL D 100 13.57 -16.49 10.06
C VAL D 100 13.16 -17.35 8.91
N VAL D 101 13.25 -18.65 9.09
CA VAL D 101 12.88 -19.53 8.02
C VAL D 101 11.58 -20.17 8.32
N LEU D 102 10.52 -19.70 7.69
CA LEU D 102 9.20 -20.27 7.92
C LEU D 102 9.24 -21.79 7.76
N THR D 103 8.54 -22.47 8.65
CA THR D 103 8.45 -23.92 8.62
C THR D 103 7.12 -24.29 9.28
N ASP D 104 6.76 -25.56 9.22
CA ASP D 104 5.53 -26.06 9.84
C ASP D 104 5.32 -25.48 11.24
N HIS D 105 6.40 -25.11 11.92
CA HIS D 105 6.28 -24.63 13.26
C HIS D 105 6.58 -23.17 13.47
N VAL D 106 6.94 -22.49 12.40
CA VAL D 106 7.23 -21.07 12.49
C VAL D 106 6.44 -20.36 11.42
N VAL D 107 5.40 -19.66 11.81
CA VAL D 107 4.61 -18.99 10.80
C VAL D 107 4.13 -17.65 11.21
N PRO D 108 4.31 -16.68 10.33
CA PRO D 108 3.88 -15.30 10.59
C PRO D 108 2.39 -15.30 10.83
N LEU D 109 1.85 -14.20 11.33
CA LEU D 109 0.42 -14.12 11.60
C LEU D 109 -0.23 -12.95 10.87
N CYS D 110 -1.13 -13.24 9.93
CA CYS D 110 -1.84 -12.23 9.14
C CYS D 110 -2.19 -10.93 9.85
N LEU D 111 -1.58 -9.84 9.43
CA LEU D 111 -1.87 -8.52 9.98
C LEU D 111 -2.88 -8.01 8.94
N PRO D 112 -4.02 -7.43 9.37
CA PRO D 112 -5.08 -6.92 8.48
C PRO D 112 -5.07 -5.45 8.11
N GLU D 113 -6.15 -4.99 7.45
CA GLU D 113 -6.28 -3.59 7.05
C GLU D 113 -7.06 -2.80 8.12
N ARG D 114 -6.61 -1.57 8.36
CA ARG D 114 -7.21 -0.68 9.35
C ARG D 114 -8.73 -0.56 9.17
N THR D 115 -9.25 -1.21 8.14
CA THR D 115 -10.66 -1.19 7.80
C THR D 115 -11.24 -2.53 8.15
N PHE D 116 -10.69 -3.56 7.51
CA PHE D 116 -11.11 -4.93 7.72
C PHE D 116 -11.25 -5.20 9.22
N SER D 117 -10.20 -4.87 9.97
CA SER D 117 -10.17 -5.07 11.41
C SER D 117 -11.18 -4.20 12.21
N GLU D 118 -11.48 -3.00 11.72
CA GLU D 118 -12.40 -2.14 12.43
C GLU D 118 -13.85 -2.50 12.11
N ARG D 119 -14.07 -2.99 10.91
CA ARG D 119 -15.41 -3.32 10.54
C ARG D 119 -15.73 -4.69 10.99
N THR D 120 -14.75 -5.57 10.90
CA THR D 120 -14.93 -6.98 11.19
C THR D 120 -14.36 -7.56 12.44
N LEU D 121 -13.10 -7.95 12.36
CA LEU D 121 -12.41 -8.56 13.50
C LEU D 121 -12.80 -7.83 14.78
N ALA D 122 -13.16 -6.57 14.64
CA ALA D 122 -13.57 -5.79 15.79
C ALA D 122 -14.78 -6.43 16.52
N PHE D 123 -15.72 -6.94 15.73
CA PHE D 123 -16.94 -7.54 16.24
C PHE D 123 -16.93 -9.06 16.45
N VAL D 124 -15.76 -9.62 16.77
CA VAL D 124 -15.65 -11.07 16.98
C VAL D 124 -15.42 -11.33 18.46
N ARG D 125 -16.38 -11.97 19.11
CA ARG D 125 -16.25 -12.19 20.55
C ARG D 125 -15.02 -12.91 21.03
N PHE D 126 -14.68 -14.05 20.43
CA PHE D 126 -13.52 -14.78 20.94
C PHE D 126 -12.21 -14.80 20.15
N SER D 127 -11.13 -14.48 20.84
CA SER D 127 -9.81 -14.45 20.25
C SER D 127 -8.81 -15.09 21.22
N LEU D 128 -7.64 -15.45 20.71
CA LEU D 128 -6.59 -16.10 21.51
C LEU D 128 -5.41 -15.29 21.88
N VAL D 129 -5.00 -15.43 23.13
CA VAL D 129 -3.83 -14.79 23.66
C VAL D 129 -2.88 -15.97 23.94
N SER D 130 -1.57 -15.71 23.99
CA SER D 130 -0.65 -16.81 24.16
C SER D 130 0.66 -16.33 24.72
N GLY D 131 1.37 -17.22 25.39
CA GLY D 131 2.64 -16.83 25.97
C GLY D 131 3.12 -17.73 27.07
N TRP D 132 4.25 -17.37 27.67
CA TRP D 132 4.84 -18.16 28.73
C TRP D 132 4.68 -17.57 30.15
N GLY D 133 4.08 -16.39 30.29
CA GLY D 133 3.92 -15.81 31.62
C GLY D 133 5.28 -15.62 32.26
N GLN D 134 5.49 -16.11 33.48
CA GLN D 134 6.79 -16.00 34.19
C GLN D 134 7.48 -17.38 34.16
N LEU D 135 8.60 -17.49 33.43
CA LEU D 135 9.34 -18.76 33.28
C LEU D 135 10.15 -19.23 34.49
N LEU D 136 10.17 -18.40 35.53
CA LEU D 136 10.87 -18.74 36.75
C LEU D 136 9.88 -19.64 37.53
N ASP D 137 8.68 -19.13 37.82
CA ASP D 137 7.65 -19.91 38.52
C ASP D 137 7.93 -21.39 38.36
N ARG D 138 7.75 -22.12 39.44
CA ARG D 138 8.07 -23.53 39.51
C ARG D 138 7.09 -24.61 39.02
N GLY D 139 5.84 -24.23 38.74
CA GLY D 139 4.86 -25.21 38.29
C GLY D 139 5.38 -26.16 37.19
N ALA D 140 4.82 -27.37 37.17
CA ALA D 140 5.23 -28.37 36.19
C ALA D 140 5.20 -27.95 34.71
N THR D 141 4.16 -27.24 34.31
CA THR D 141 4.02 -26.83 32.93
C THR D 141 4.52 -25.40 32.73
N ALA D 142 5.19 -24.87 33.75
CA ALA D 142 5.67 -23.52 33.69
C ALA D 142 6.46 -23.21 32.43
N LEU D 143 7.06 -24.24 31.84
CA LEU D 143 7.88 -24.03 30.65
C LEU D 143 7.21 -24.34 29.31
N GLU D 144 5.90 -24.22 29.24
CA GLU D 144 5.21 -24.53 28.00
C GLU D 144 4.38 -23.36 27.49
N LEU D 145 4.46 -23.07 26.20
CA LEU D 145 3.68 -21.98 25.59
C LEU D 145 2.19 -22.24 25.92
N MET D 146 1.48 -21.25 26.45
CA MET D 146 0.08 -21.49 26.81
C MET D 146 -0.84 -20.54 26.08
N VAL D 147 -2.03 -21.00 25.68
CA VAL D 147 -3.01 -20.13 24.99
C VAL D 147 -4.33 -20.06 25.73
N LEU D 148 -4.93 -18.89 25.69
CA LEU D 148 -6.18 -18.65 26.38
C LEU D 148 -7.22 -18.27 25.36
N ASN D 149 -8.48 -18.35 25.74
CA ASN D 149 -9.53 -17.96 24.84
C ASN D 149 -10.27 -16.87 25.58
N VAL D 150 -10.24 -15.67 25.04
CA VAL D 150 -10.91 -14.61 25.72
C VAL D 150 -11.83 -13.84 24.80
N PRO D 151 -12.96 -13.35 25.34
CA PRO D 151 -13.93 -12.57 24.58
C PRO D 151 -13.52 -11.11 24.73
N ARG D 152 -13.89 -10.28 23.76
CA ARG D 152 -13.53 -8.85 23.81
C ARG D 152 -14.68 -7.96 24.31
N LEU D 153 -14.33 -6.78 24.78
CA LEU D 153 -15.32 -5.86 25.31
C LEU D 153 -15.29 -4.50 24.66
N MET D 154 -16.46 -3.92 24.48
CA MET D 154 -16.52 -2.57 23.94
C MET D 154 -16.05 -1.77 25.15
N THR D 155 -14.96 -1.03 24.97
CA THR D 155 -14.35 -0.23 26.03
C THR D 155 -15.29 0.33 27.12
N GLN D 156 -16.53 0.60 26.74
CA GLN D 156 -17.51 1.15 27.68
C GLN D 156 -17.97 0.09 28.68
N ASP D 157 -18.43 -1.04 28.17
CA ASP D 157 -18.87 -2.14 29.00
C ASP D 157 -17.70 -2.51 29.91
N CYS D 158 -16.49 -2.13 29.49
CA CYS D 158 -15.30 -2.43 30.30
C CYS D 158 -15.08 -1.41 31.37
N LEU D 159 -15.40 -0.15 31.07
CA LEU D 159 -15.27 0.92 32.07
C LEU D 159 -16.39 0.64 33.10
N GLN D 160 -17.61 0.41 32.58
CA GLN D 160 -18.74 0.10 33.44
C GLN D 160 -18.35 -1.08 34.31
N GLN D 161 -18.44 -2.27 33.72
CA GLN D 161 -18.12 -3.52 34.39
C GLN D 161 -16.97 -3.51 35.38
N SER D 162 -16.08 -2.53 35.25
CA SER D 162 -14.94 -2.48 36.13
C SER D 162 -15.22 -1.88 37.49
N ARG D 163 -14.81 -2.62 38.52
CA ARG D 163 -14.93 -2.18 39.90
C ARG D 163 -13.98 -0.97 39.89
N LYS D 164 -14.50 0.23 39.66
CA LYS D 164 -13.67 1.43 39.62
C LYS D 164 -12.62 1.54 40.73
N VAL D 165 -11.51 2.20 40.41
CA VAL D 165 -10.43 2.40 41.37
C VAL D 165 -10.09 3.88 41.50
N GLY D 166 -9.91 4.35 42.74
CA GLY D 166 -9.59 5.74 42.98
C GLY D 166 -8.20 6.15 42.55
N ASP D 167 -7.59 5.36 41.68
CA ASP D 167 -6.24 5.64 41.17
C ASP D 167 -6.13 4.89 39.85
N SER D 168 -7.28 4.35 39.43
CA SER D 168 -7.41 3.57 38.21
C SER D 168 -6.91 4.30 36.96
N PRO D 169 -6.80 3.56 35.85
CA PRO D 169 -6.33 4.09 34.58
C PRO D 169 -7.45 4.37 33.60
N ASN D 170 -7.10 5.18 32.62
CA ASN D 170 -8.02 5.57 31.57
C ASN D 170 -8.05 4.38 30.64
N ILE D 171 -8.84 4.46 29.59
CA ILE D 171 -8.90 3.37 28.62
C ILE D 171 -9.09 3.95 27.22
N THR D 172 -7.97 4.34 26.60
CA THR D 172 -7.96 4.96 25.29
C THR D 172 -8.40 4.21 24.06
N GLU D 173 -8.61 5.00 23.01
CA GLU D 173 -9.02 4.49 21.73
C GLU D 173 -7.95 3.55 21.23
N TYR D 174 -6.78 3.64 21.83
CA TYR D 174 -5.67 2.81 21.41
C TYR D 174 -5.61 1.52 22.18
N MET D 175 -6.72 1.18 22.80
CA MET D 175 -6.79 -0.04 23.58
C MET D 175 -8.18 -0.62 23.59
N PHE D 176 -8.27 -1.81 24.18
CA PHE D 176 -9.54 -2.48 24.36
C PHE D 176 -9.41 -3.55 25.45
N CYS D 177 -10.51 -3.80 26.15
CA CYS D 177 -10.48 -4.79 27.22
C CYS D 177 -10.84 -6.16 26.69
N ALA D 178 -10.43 -7.18 27.43
CA ALA D 178 -10.74 -8.53 27.03
C ALA D 178 -10.42 -9.50 28.15
N GLY D 179 -11.26 -10.53 28.25
CA GLY D 179 -11.07 -11.53 29.28
C GLY D 179 -12.36 -11.92 29.96
N TYR D 180 -12.25 -12.12 31.27
CA TYR D 180 -13.39 -12.50 32.09
C TYR D 180 -13.21 -11.72 33.39
N SER D 181 -14.18 -10.88 33.74
CA SER D 181 -14.08 -10.06 34.96
C SER D 181 -14.01 -10.78 36.31
N ASP D 182 -14.53 -12.00 36.37
CA ASP D 182 -14.55 -12.79 37.61
C ASP D 182 -13.25 -13.33 38.21
N GLY D 183 -12.12 -13.08 37.56
CA GLY D 183 -10.82 -13.56 38.05
C GLY D 183 -10.48 -15.03 37.84
N SER D 184 -10.83 -15.59 36.68
CA SER D 184 -10.54 -17.00 36.38
C SER D 184 -9.32 -17.18 35.45
N LYS D 185 -9.39 -16.45 34.32
CA LYS D 185 -8.38 -16.43 33.26
C LYS D 185 -7.98 -14.99 32.82
N ASP D 186 -6.69 -14.78 32.56
CA ASP D 186 -6.17 -13.48 32.08
C ASP D 186 -4.67 -13.59 31.71
N SER D 187 -4.16 -12.61 30.95
CA SER D 187 -2.75 -12.60 30.57
C SER D 187 -2.04 -12.08 31.80
N CYS D 188 -0.71 -12.11 31.81
CA CYS D 188 0.03 -11.68 32.99
C CYS D 188 1.51 -11.44 32.71
N LYS D 189 2.22 -10.83 33.67
CA LYS D 189 3.65 -10.56 33.55
C LYS D 189 4.38 -11.63 32.70
N GLY D 190 5.11 -11.14 31.67
CA GLY D 190 5.86 -12.01 30.77
C GLY D 190 5.11 -12.41 29.51
N ASP D 191 3.87 -11.93 29.41
CA ASP D 191 3.04 -12.25 28.26
C ASP D 191 3.02 -11.05 27.28
N SER D 192 3.32 -9.85 27.79
CA SER D 192 3.33 -8.65 26.94
C SER D 192 3.82 -8.89 25.52
N GLY D 193 3.21 -8.23 24.54
CA GLY D 193 3.62 -8.38 23.16
C GLY D 193 3.04 -9.63 22.54
N GLY D 194 2.63 -10.57 23.38
CA GLY D 194 2.07 -11.77 22.82
C GLY D 194 0.89 -11.42 21.92
N PRO D 195 0.59 -12.32 20.99
CA PRO D 195 -0.51 -12.04 20.12
C PRO D 195 -1.87 -12.42 20.73
N HIS D 196 -2.84 -11.57 20.45
CA HIS D 196 -4.25 -11.70 20.81
C HIS D 196 -4.76 -12.01 19.38
N ALA D 197 -4.53 -13.24 18.92
CA ALA D 197 -4.90 -13.67 17.58
C ALA D 197 -6.38 -13.98 17.33
N THR D 198 -6.94 -13.42 16.26
CA THR D 198 -8.35 -13.60 15.90
C THR D 198 -8.52 -14.47 14.65
N HIS D 199 -9.52 -15.35 14.65
CA HIS D 199 -9.75 -16.21 13.50
C HIS D 199 -10.98 -15.73 12.78
N TYR D 200 -10.93 -15.69 11.45
CA TYR D 200 -12.05 -15.23 10.64
C TYR D 200 -12.04 -15.77 9.22
N ARG D 201 -13.14 -16.39 8.81
CA ARG D 201 -13.23 -16.96 7.46
C ARG D 201 -12.06 -17.86 7.12
N GLY D 202 -11.39 -18.40 8.11
CA GLY D 202 -10.28 -19.30 7.81
C GLY D 202 -8.85 -18.85 8.08
N THR D 203 -8.62 -17.59 8.41
CA THR D 203 -7.26 -17.13 8.65
C THR D 203 -7.16 -16.38 9.96
N TRP D 204 -6.01 -16.48 10.62
CA TRP D 204 -5.83 -15.77 11.87
C TRP D 204 -5.26 -14.44 11.50
N TYR D 205 -5.59 -13.42 12.28
CA TYR D 205 -5.12 -12.07 12.02
C TYR D 205 -4.75 -11.54 13.39
N LEU D 206 -4.11 -10.38 13.50
CA LEU D 206 -3.72 -9.92 14.81
C LEU D 206 -4.45 -8.66 15.21
N THR D 207 -5.14 -8.71 16.34
CA THR D 207 -5.88 -7.54 16.82
C THR D 207 -5.24 -6.94 18.02
N GLY D 208 -4.71 -7.75 18.92
CA GLY D 208 -4.12 -7.15 20.08
C GLY D 208 -2.74 -7.62 20.42
N ILE D 209 -2.13 -6.90 21.33
CA ILE D 209 -0.83 -7.23 21.79
C ILE D 209 -1.00 -7.00 23.27
N VAL D 210 -0.73 -8.04 24.03
CA VAL D 210 -0.83 -8.01 25.49
C VAL D 210 -0.14 -6.74 26.07
N SER D 211 -0.88 -5.86 26.74
CA SER D 211 -0.25 -4.64 27.29
C SER D 211 -0.11 -4.52 28.83
N TRP D 212 -1.22 -4.51 29.56
CA TRP D 212 -1.19 -4.35 31.01
C TRP D 212 -2.54 -4.69 31.56
N GLY D 213 -2.79 -4.24 32.79
CA GLY D 213 -4.05 -4.49 33.44
C GLY D 213 -3.89 -4.15 34.91
N GLN D 214 -4.83 -4.58 35.75
CA GLN D 214 -4.70 -4.30 37.15
C GLN D 214 -4.72 -5.58 37.92
N GLY D 215 -3.55 -6.21 38.02
CA GLY D 215 -3.45 -7.47 38.73
C GLY D 215 -3.91 -8.58 37.84
N CYS D 216 -3.13 -9.64 37.78
CA CYS D 216 -3.48 -10.74 36.92
C CYS D 216 -4.68 -11.46 37.43
N ALA D 217 -5.70 -11.49 36.57
CA ALA D 217 -6.97 -12.12 36.88
C ALA D 217 -7.52 -11.64 38.21
N THR D 218 -7.68 -10.32 38.34
CA THR D 218 -8.22 -9.77 39.55
C THR D 218 -9.72 -9.61 39.35
N VAL D 219 -10.50 -9.94 40.37
CA VAL D 219 -11.94 -9.82 40.27
C VAL D 219 -12.33 -8.36 39.98
N GLY D 220 -13.39 -8.22 39.21
CA GLY D 220 -13.87 -6.90 38.85
C GLY D 220 -12.93 -6.27 37.85
N HIS D 221 -11.92 -7.02 37.45
CA HIS D 221 -10.95 -6.47 36.53
C HIS D 221 -10.68 -7.24 35.27
N PHE D 222 -10.30 -6.50 34.24
CA PHE D 222 -10.03 -7.05 32.91
C PHE D 222 -8.56 -6.86 32.50
N GLY D 223 -8.17 -7.51 31.40
CA GLY D 223 -6.82 -7.36 30.90
C GLY D 223 -6.89 -6.42 29.71
N VAL D 224 -6.06 -5.38 29.68
CA VAL D 224 -6.06 -4.46 28.55
C VAL D 224 -5.21 -5.07 27.42
N TYR D 225 -5.40 -4.55 26.22
CA TYR D 225 -4.68 -5.05 25.04
C TYR D 225 -4.56 -3.89 24.05
N THR D 226 -3.36 -3.60 23.58
CA THR D 226 -3.21 -2.48 22.65
C THR D 226 -4.02 -2.74 21.39
N ARG D 227 -4.72 -1.71 20.88
CA ARG D 227 -5.50 -1.90 19.66
C ARG D 227 -4.63 -1.77 18.45
N VAL D 228 -4.31 -2.95 17.92
CA VAL D 228 -3.45 -3.06 16.77
C VAL D 228 -3.99 -2.13 15.70
N SER D 229 -5.22 -2.39 15.26
CA SER D 229 -5.84 -1.58 14.25
C SER D 229 -5.31 -0.16 14.18
N GLN D 230 -5.17 0.51 15.31
CA GLN D 230 -4.73 1.88 15.25
C GLN D 230 -3.32 2.13 14.73
N TYR D 231 -2.45 1.17 14.95
CA TYR D 231 -1.06 1.30 14.56
C TYR D 231 -0.69 0.83 13.19
N ILE D 232 -1.59 0.04 12.64
CA ILE D 232 -1.39 -0.53 11.32
C ILE D 232 -0.72 0.42 10.35
N GLU D 233 -1.37 1.53 10.02
CA GLU D 233 -0.77 2.47 9.08
C GLU D 233 0.70 2.72 9.42
N TRP D 234 0.96 2.94 10.70
CA TRP D 234 2.31 3.21 11.22
C TRP D 234 3.29 2.07 11.14
N LEU D 235 2.77 0.85 11.13
CA LEU D 235 3.59 -0.34 11.06
C LEU D 235 3.99 -0.67 9.64
N GLN D 236 3.07 -0.50 8.69
CA GLN D 236 3.38 -0.79 7.29
C GLN D 236 4.30 0.27 6.74
N LYS D 237 4.20 1.46 7.30
CA LYS D 237 5.06 2.56 6.90
C LYS D 237 6.47 2.09 7.22
N LEU D 238 6.73 1.94 8.52
CA LEU D 238 8.03 1.54 9.03
C LEU D 238 8.62 0.23 8.50
N MET D 239 7.87 -0.50 7.69
CA MET D 239 8.40 -1.76 7.15
C MET D 239 9.06 -1.43 5.80
N ARG D 240 8.66 -0.29 5.24
CA ARG D 240 9.17 0.19 3.97
C ARG D 240 10.24 1.23 4.24
N SER D 241 10.48 1.48 5.51
CA SER D 241 11.46 2.47 5.89
C SER D 241 12.87 2.03 5.61
N GLU D 242 13.65 3.02 5.26
CA GLU D 242 15.05 2.84 5.01
C GLU D 242 15.55 2.39 6.38
N PRO D 243 16.10 1.18 6.48
CA PRO D 243 16.60 0.72 7.78
C PRO D 243 17.56 1.74 8.41
N ARG D 244 17.34 2.08 9.68
CA ARG D 244 18.20 3.05 10.38
C ARG D 244 19.32 2.38 11.21
N PRO D 245 20.31 3.17 11.69
CA PRO D 245 21.45 2.69 12.49
C PRO D 245 21.18 2.18 13.93
N GLY D 246 20.99 3.10 14.87
CA GLY D 246 20.74 2.74 16.26
C GLY D 246 19.69 1.66 16.49
N VAL D 247 19.77 0.94 17.61
CA VAL D 247 18.81 -0.12 17.89
C VAL D 247 17.41 0.45 18.18
N LEU D 248 17.31 1.33 19.18
CA LEU D 248 16.01 1.91 19.52
C LEU D 248 15.74 3.08 18.61
N LEU D 249 14.52 3.17 18.09
CA LEU D 249 14.19 4.31 17.23
C LEU D 249 12.76 4.79 17.48
N ARG D 250 12.64 6.04 17.91
CA ARG D 250 11.33 6.62 18.21
C ARG D 250 10.69 7.27 16.99
N ALA D 251 10.15 6.44 16.10
CA ALA D 251 9.48 6.93 14.90
C ALA D 251 8.44 7.94 15.34
N PRO D 252 8.06 8.86 14.45
CA PRO D 252 7.07 9.83 14.87
C PRO D 252 5.68 9.25 14.64
N PHE D 253 4.74 9.65 15.49
CA PHE D 253 3.37 9.18 15.43
C PHE D 253 2.37 10.33 15.37
N PRO D 254 1.35 10.20 14.52
CA PRO D 254 1.10 9.06 13.63
C PRO D 254 2.17 8.93 12.57
N ILE E 1 -6.33 -1.42 -40.29
CA ILE E 1 -6.75 -1.41 -38.89
C ILE E 1 -8.25 -1.21 -38.79
N SER E 2 -8.74 -0.17 -39.45
CA SER E 2 -10.17 0.15 -39.43
C SER E 2 -10.95 -0.79 -40.34
N TYR E 3 -10.27 -1.40 -41.30
CA TYR E 3 -10.94 -2.33 -42.21
C TYR E 3 -11.09 -3.70 -41.56
N SER E 4 -9.96 -4.27 -41.13
CA SER E 4 -9.98 -5.57 -40.47
C SER E 4 -10.89 -5.44 -39.26
N ASP E 5 -11.17 -4.19 -38.92
CA ASP E 5 -12.00 -3.83 -37.78
C ASP E 5 -13.43 -4.43 -37.82
N GLY E 6 -14.37 -3.75 -38.49
CA GLY E 6 -15.73 -4.26 -38.57
C GLY E 6 -16.57 -3.82 -37.38
N ASP E 7 -17.87 -4.11 -37.36
CA ASP E 7 -18.72 -3.70 -36.25
C ASP E 7 -18.89 -4.80 -35.19
N GLN E 8 -18.17 -4.65 -34.10
CA GLN E 8 -18.21 -5.66 -33.02
C GLN E 8 -19.51 -5.65 -32.20
N CYS E 9 -20.25 -4.55 -32.28
CA CYS E 9 -21.50 -4.40 -31.54
C CYS E 9 -22.63 -5.21 -32.19
N ALA E 10 -22.31 -5.90 -33.26
CA ALA E 10 -23.27 -6.73 -33.98
C ALA E 10 -23.84 -7.89 -33.16
N SER E 11 -23.02 -8.57 -32.36
CA SER E 11 -23.52 -9.67 -31.54
C SER E 11 -24.39 -9.23 -30.36
N SER E 12 -24.76 -7.94 -30.35
CA SER E 12 -25.58 -7.32 -29.28
C SER E 12 -25.20 -7.84 -27.87
N PRO E 13 -23.89 -7.90 -27.57
CA PRO E 13 -23.43 -8.40 -26.27
C PRO E 13 -24.02 -7.68 -25.06
N CYS E 14 -24.47 -6.45 -25.27
CA CYS E 14 -25.03 -5.68 -24.17
C CYS E 14 -26.42 -6.18 -23.77
N GLN E 15 -26.50 -6.71 -22.55
CA GLN E 15 -27.74 -7.27 -22.03
C GLN E 15 -28.60 -6.27 -21.27
N ASN E 16 -29.68 -6.79 -20.69
CA ASN E 16 -30.62 -5.99 -19.90
C ASN E 16 -30.89 -4.61 -20.49
N GLY E 17 -30.73 -4.51 -21.81
CA GLY E 17 -30.97 -3.26 -22.50
C GLY E 17 -29.99 -2.11 -22.31
N GLY E 18 -28.68 -2.39 -22.50
CA GLY E 18 -27.66 -1.37 -22.38
C GLY E 18 -27.19 -0.85 -23.74
N SER E 19 -26.51 0.29 -23.74
CA SER E 19 -26.00 0.84 -24.99
C SER E 19 -24.65 0.19 -25.34
N CYS E 20 -24.42 -0.08 -26.63
CA CYS E 20 -23.17 -0.69 -27.12
C CYS E 20 -22.36 0.30 -27.98
N LYS E 21 -21.13 0.56 -27.56
CA LYS E 21 -20.24 1.47 -28.25
C LYS E 21 -19.21 0.59 -28.96
N ASP E 22 -19.35 0.51 -30.27
CA ASP E 22 -18.44 -0.25 -31.12
C ASP E 22 -17.03 0.34 -30.95
N GLN E 23 -16.03 -0.53 -30.94
CA GLN E 23 -14.66 -0.09 -30.77
C GLN E 23 -13.61 -0.96 -31.54
N LEU E 24 -12.33 -0.67 -31.34
CA LEU E 24 -11.24 -1.40 -32.01
C LEU E 24 -11.10 -2.84 -31.54
N GLN E 25 -11.51 -3.79 -32.38
CA GLN E 25 -11.39 -5.20 -32.02
C GLN E 25 -12.00 -5.48 -30.65
N SER E 26 -13.03 -4.72 -30.29
CA SER E 26 -13.72 -4.86 -29.01
C SER E 26 -14.94 -3.94 -28.92
N TYR E 27 -15.63 -3.94 -27.77
CA TYR E 27 -16.82 -3.10 -27.57
C TYR E 27 -17.03 -2.78 -26.09
N ILE E 28 -17.86 -1.76 -25.82
CA ILE E 28 -18.18 -1.35 -24.45
C ILE E 28 -19.69 -1.24 -24.25
N CYS E 29 -20.15 -1.72 -23.10
CA CYS E 29 -21.56 -1.72 -22.78
C CYS E 29 -21.92 -0.66 -21.74
N PHE E 30 -22.85 0.21 -22.09
CA PHE E 30 -23.26 1.21 -21.13
C PHE E 30 -24.51 0.61 -20.57
N CYS E 31 -24.53 0.47 -19.26
CA CYS E 31 -25.65 -0.14 -18.60
C CYS E 31 -26.61 0.82 -17.97
N LEU E 32 -27.67 0.22 -17.44
CA LEU E 32 -28.70 0.93 -16.75
C LEU E 32 -28.21 0.88 -15.30
N PRO E 33 -28.72 1.78 -14.45
CA PRO E 33 -28.32 1.83 -13.04
C PRO E 33 -28.48 0.48 -12.38
N ALA E 34 -29.64 -0.09 -12.63
CA ALA E 34 -29.99 -1.36 -12.06
C ALA E 34 -29.06 -2.49 -12.52
N PHE E 35 -28.15 -2.21 -13.46
CA PHE E 35 -27.27 -3.29 -13.93
C PHE E 35 -25.76 -3.02 -13.95
N GLU E 36 -25.00 -4.12 -14.07
CA GLU E 36 -23.54 -4.11 -14.11
C GLU E 36 -22.98 -5.32 -14.91
N GLY E 37 -21.69 -5.23 -15.31
CA GLY E 37 -21.05 -6.31 -16.07
C GLY E 37 -20.41 -5.90 -17.40
N ARG E 38 -19.42 -6.67 -17.87
CA ARG E 38 -18.78 -6.36 -19.16
C ARG E 38 -19.95 -6.24 -20.09
N ASN E 39 -20.91 -7.14 -19.89
CA ASN E 39 -22.14 -7.21 -20.68
C ASN E 39 -23.38 -7.02 -19.79
N CYS E 40 -23.29 -6.10 -18.83
CA CYS E 40 -24.36 -5.78 -17.88
C CYS E 40 -25.21 -7.03 -17.58
N GLU E 41 -24.58 -8.20 -17.61
CA GLU E 41 -25.27 -9.48 -17.39
C GLU E 41 -25.70 -9.79 -15.96
N THR E 42 -25.48 -8.87 -15.04
CA THR E 42 -25.81 -9.07 -13.63
C THR E 42 -26.69 -7.93 -13.08
N HIS E 43 -27.28 -8.15 -11.90
CA HIS E 43 -28.14 -7.18 -11.21
C HIS E 43 -27.45 -6.52 -9.99
N LYS E 44 -27.45 -5.18 -9.95
CA LYS E 44 -26.80 -4.38 -8.89
C LYS E 44 -27.22 -4.51 -7.41
N ASP E 45 -26.82 -5.57 -6.69
CA ASP E 45 -27.23 -5.69 -5.29
C ASP E 45 -26.86 -4.45 -4.47
N ASP E 46 -27.87 -3.74 -4.01
CA ASP E 46 -27.65 -2.52 -3.27
C ASP E 46 -26.95 -2.70 -1.93
N GLN E 47 -27.18 -3.86 -1.32
CA GLN E 47 -26.59 -4.16 -0.01
C GLN E 47 -25.38 -5.08 -0.12
N LEU E 48 -24.54 -4.86 -1.14
CA LEU E 48 -23.36 -5.66 -1.33
C LEU E 48 -22.17 -4.80 -0.96
N ILE E 49 -22.45 -3.68 -0.30
CA ILE E 49 -21.39 -2.78 0.13
C ILE E 49 -20.68 -3.35 1.33
N CYS E 50 -19.38 -3.17 1.35
CA CYS E 50 -18.48 -3.68 2.39
C CYS E 50 -18.94 -3.74 3.85
N VAL E 51 -19.46 -2.64 4.39
CA VAL E 51 -19.88 -2.65 5.80
C VAL E 51 -20.88 -3.75 6.19
N ASN E 52 -21.61 -4.27 5.20
CA ASN E 52 -22.61 -5.33 5.37
C ASN E 52 -22.09 -6.74 5.02
N GLU E 53 -21.70 -7.51 6.04
CA GLU E 53 -21.16 -8.88 5.90
C GLU E 53 -19.81 -8.91 5.16
N ASN E 54 -19.13 -7.76 5.16
CA ASN E 54 -17.86 -7.59 4.45
C ASN E 54 -18.06 -7.91 2.95
N GLY E 55 -19.20 -7.44 2.43
CA GLY E 55 -19.54 -7.64 1.04
C GLY E 55 -19.39 -9.08 0.60
N GLY E 56 -19.36 -10.00 1.56
CA GLY E 56 -19.22 -11.41 1.22
C GLY E 56 -17.75 -11.75 1.06
N CYS E 57 -16.95 -10.70 0.99
CA CYS E 57 -15.51 -10.82 0.86
C CYS E 57 -14.94 -11.75 1.94
N GLU E 58 -14.18 -12.77 1.53
CA GLU E 58 -13.57 -13.70 2.51
C GLU E 58 -12.49 -13.02 3.35
N GLN E 59 -11.72 -12.11 2.75
CA GLN E 59 -10.63 -11.40 3.45
C GLN E 59 -10.78 -9.87 3.47
N TYR E 60 -10.48 -9.21 2.36
CA TYR E 60 -10.61 -7.77 2.35
C TYR E 60 -11.65 -7.32 1.35
N CYS E 61 -12.18 -6.13 1.55
CA CYS E 61 -13.22 -5.64 0.68
C CYS E 61 -13.06 -4.14 0.50
N SER E 62 -13.29 -3.66 -0.72
CA SER E 62 -13.22 -2.21 -0.92
C SER E 62 -14.36 -1.71 -1.80
N ASP E 63 -14.92 -0.56 -1.44
CA ASP E 63 -16.04 0.06 -2.15
C ASP E 63 -15.58 1.04 -3.20
N HIS E 64 -16.39 1.12 -4.25
CA HIS E 64 -16.09 2.00 -5.37
C HIS E 64 -17.35 2.75 -5.82
N THR E 65 -17.43 4.06 -5.50
CA THR E 65 -18.58 4.88 -5.86
C THR E 65 -18.91 4.52 -7.30
N GLY E 66 -20.06 3.87 -7.52
CA GLY E 66 -20.46 3.49 -8.86
C GLY E 66 -20.00 2.16 -9.47
N THR E 67 -19.40 1.29 -8.66
CA THR E 67 -18.96 -0.02 -9.14
C THR E 67 -19.13 -1.03 -8.02
N LYS E 68 -19.53 -2.25 -8.37
CA LYS E 68 -19.72 -3.31 -7.37
C LYS E 68 -18.44 -3.47 -6.58
N ARG E 69 -18.56 -3.53 -5.25
CA ARG E 69 -17.39 -3.69 -4.42
C ARG E 69 -16.55 -4.84 -4.93
N SER E 70 -15.25 -4.72 -4.78
CA SER E 70 -14.36 -5.78 -5.21
C SER E 70 -13.70 -6.31 -3.94
N CYS E 71 -13.38 -7.58 -3.96
CA CYS E 71 -12.74 -8.19 -2.81
C CYS E 71 -11.26 -8.30 -3.13
N ARG E 72 -10.44 -8.33 -2.11
CA ARG E 72 -9.02 -8.46 -2.35
C ARG E 72 -8.46 -9.53 -1.43
N CYS E 73 -7.13 -9.62 -1.39
CA CYS E 73 -6.46 -10.58 -0.55
C CYS E 73 -5.24 -9.97 0.14
N HIS E 74 -4.58 -10.77 0.97
CA HIS E 74 -3.39 -10.38 1.72
C HIS E 74 -2.17 -11.02 1.04
N GLU E 75 -0.96 -10.48 1.24
CA GLU E 75 0.24 -11.04 0.61
C GLU E 75 0.22 -12.56 0.61
N GLY E 76 0.91 -13.15 -0.36
CA GLY E 76 0.95 -14.60 -0.44
C GLY E 76 -0.40 -15.23 -0.61
N TYR E 77 -1.40 -14.43 -0.95
CA TYR E 77 -2.76 -14.90 -1.18
C TYR E 77 -3.22 -14.23 -2.49
N SER E 78 -4.10 -14.89 -3.25
CA SER E 78 -4.57 -14.35 -4.50
C SER E 78 -6.05 -14.58 -4.67
N LEU E 79 -6.71 -13.58 -5.26
CA LEU E 79 -8.14 -13.65 -5.51
C LEU E 79 -8.44 -14.95 -6.20
N LEU E 80 -9.40 -15.67 -5.68
CA LEU E 80 -9.76 -16.92 -6.30
C LEU E 80 -10.82 -16.63 -7.36
N ALA E 81 -11.22 -17.70 -8.05
CA ALA E 81 -12.21 -17.59 -9.12
C ALA E 81 -13.33 -16.68 -8.69
N ASP E 82 -14.25 -17.21 -7.90
CA ASP E 82 -15.42 -16.49 -7.38
C ASP E 82 -15.29 -14.99 -7.15
N GLY E 83 -14.08 -14.50 -6.99
CA GLY E 83 -13.92 -13.07 -6.79
C GLY E 83 -14.27 -12.72 -5.35
N VAL E 84 -14.35 -13.76 -4.51
CA VAL E 84 -14.64 -13.58 -3.08
C VAL E 84 -13.69 -14.43 -2.22
N SER E 85 -13.06 -15.41 -2.85
CA SER E 85 -12.14 -16.31 -2.15
C SER E 85 -10.67 -15.95 -2.30
N CYS E 86 -9.87 -16.41 -1.35
CA CYS E 86 -8.45 -16.17 -1.45
C CYS E 86 -7.74 -17.48 -1.23
N THR E 87 -6.94 -17.83 -2.23
CA THR E 87 -6.12 -19.03 -2.18
C THR E 87 -4.72 -18.45 -2.05
N PRO E 88 -3.79 -19.17 -1.41
CA PRO E 88 -2.42 -18.68 -1.20
C PRO E 88 -1.42 -18.84 -2.33
N THR E 89 -0.53 -17.86 -2.48
CA THR E 89 0.50 -17.91 -3.50
C THR E 89 1.80 -18.44 -2.92
N VAL E 90 1.93 -18.41 -1.60
CA VAL E 90 3.16 -18.87 -0.96
C VAL E 90 3.00 -20.22 -0.27
N GLU E 91 4.09 -20.77 0.25
CA GLU E 91 4.00 -22.06 0.90
C GLU E 91 3.55 -22.02 2.35
N TYR E 92 3.71 -20.85 2.97
CA TYR E 92 3.33 -20.65 4.35
C TYR E 92 2.75 -19.26 4.46
N PRO E 93 1.44 -19.12 4.22
CA PRO E 93 0.74 -17.83 4.28
C PRO E 93 0.42 -17.55 5.71
N CYS E 94 0.08 -16.30 6.04
CA CYS E 94 -0.19 -15.99 7.41
C CYS E 94 -1.57 -16.42 7.87
N GLY E 95 -1.67 -16.76 9.16
CA GLY E 95 -2.94 -17.15 9.74
C GLY E 95 -3.39 -18.55 9.42
N LYS E 96 -2.50 -19.36 8.85
CA LYS E 96 -2.89 -20.74 8.55
C LYS E 96 -1.91 -21.64 9.26
N ILE E 97 -2.41 -22.64 9.97
CA ILE E 97 -1.56 -23.59 10.72
C ILE E 97 -1.25 -24.80 9.87
N PRO E 98 0.02 -25.03 9.58
CA PRO E 98 0.45 -26.15 8.76
C PRO E 98 0.22 -27.50 9.33
N ILE E 99 0.42 -27.66 10.62
CA ILE E 99 0.22 -28.99 11.14
C ILE E 99 -1.24 -29.37 10.99
N LEU E 100 -2.10 -28.40 10.68
CA LEU E 100 -3.53 -28.69 10.49
C LEU E 100 -3.97 -28.92 9.03
N GLU E 101 -3.59 -28.03 8.11
CA GLU E 101 -3.97 -28.20 6.72
C GLU E 101 -3.41 -29.49 6.08
C ACE F 1 19.43 -14.68 34.92
O ACE F 1 20.66 -14.60 35.01
CH3 ACE F 1 18.51 -14.34 36.08
N ALA F 2 18.77 -15.07 33.83
CA ALA F 2 19.35 -15.49 32.57
C ALA F 2 18.67 -16.83 32.61
N LEU F 3 18.18 -17.31 31.47
CA LEU F 3 17.47 -18.56 31.48
C LEU F 3 18.41 -19.72 31.72
N CYS F 4 19.63 -19.64 31.19
CA CYS F 4 20.63 -20.71 31.33
C CYS F 4 20.81 -21.08 32.81
N ASP F 5 20.78 -20.08 33.69
CA ASP F 5 20.94 -20.31 35.11
C ASP F 5 20.00 -21.39 35.65
N ASP F 6 18.85 -21.59 34.98
CA ASP F 6 17.85 -22.57 35.41
C ASP F 6 18.07 -24.00 34.89
N PRO F 7 18.22 -24.94 35.82
CA PRO F 7 18.44 -26.35 35.50
C PRO F 7 17.38 -27.04 34.66
N ARG F 8 16.14 -26.60 34.73
CA ARG F 8 15.16 -27.33 33.94
C ARG F 8 15.01 -26.80 32.53
N VAL F 9 16.07 -26.17 32.03
CA VAL F 9 16.01 -25.59 30.70
C VAL F 9 16.86 -26.20 29.61
N ASP F 10 16.31 -26.14 28.40
CA ASP F 10 17.01 -26.64 27.24
C ASP F 10 18.34 -25.93 27.34
N ARG F 11 19.42 -26.69 27.19
CA ARG F 11 20.74 -26.09 27.32
C ARG F 11 21.11 -25.20 26.14
N TRP F 12 20.23 -25.17 25.15
CA TRP F 12 20.42 -24.36 23.95
C TRP F 12 20.30 -22.90 24.32
N TYR F 13 19.68 -22.65 25.46
CA TYR F 13 19.46 -21.29 25.88
C TYR F 13 20.70 -20.69 26.50
N CYS F 14 21.80 -21.44 26.45
CA CYS F 14 23.05 -20.96 27.04
C CYS F 14 23.93 -20.24 26.03
N GLN F 15 23.74 -20.52 24.76
CA GLN F 15 24.53 -19.86 23.75
C GLN F 15 24.27 -18.37 23.81
N PHE F 16 23.20 -17.96 24.45
CA PHE F 16 22.93 -16.54 24.45
C PHE F 16 23.27 -15.87 25.72
N VAL F 17 24.08 -16.52 26.57
CA VAL F 17 24.46 -15.90 27.85
C VAL F 17 25.82 -15.26 27.91
N GLU F 18 26.80 -16.10 28.24
CA GLU F 18 28.19 -15.71 28.37
C GLU F 18 28.65 -15.68 26.92
N GLY F 19 29.61 -14.93 26.60
C2 BGC G . 10.62 -35.11 -3.65
C3 BGC G . 9.21 -34.50 -3.75
C4 BGC G . 9.14 -33.30 -4.72
C5 BGC G . 9.81 -33.74 -6.04
C6 BGC G . 9.72 -32.74 -7.19
C1 BGC G . 11.37 -35.25 -4.97
O2 BGC G . 10.47 -36.41 -3.09
O3 BGC G . 8.83 -34.08 -2.45
O4 BGC G . 7.76 -32.92 -4.98
O5 BGC G . 11.20 -34.07 -5.81
O6 BGC G . 10.53 -31.59 -6.98
C1 GAL G . 6.96 -32.16 -4.12
C2 GAL G . 6.53 -32.91 -2.86
C3 GAL G . 5.39 -32.11 -2.23
C4 GAL G . 5.85 -30.66 -1.94
C5 GAL G . 6.57 -29.97 -3.14
C6 GAL G . 7.32 -28.73 -2.67
O2 GAL G . 6.10 -34.22 -3.20
O3 GAL G . 4.95 -32.75 -1.03
O4 GAL G . 6.72 -30.61 -0.82
O5 GAL G . 7.53 -30.88 -3.79
O6 GAL G . 6.65 -28.06 -1.60
N 0Z6 H . 5.95 32.81 -15.83
CA 0Z6 H . 4.85 32.94 -14.88
C 0Z6 H . 4.47 31.56 -14.39
O 0Z6 H . 5.26 30.63 -14.47
CB 0Z6 H . 5.24 33.80 -13.69
CG 0Z6 H . 6.40 33.26 -12.91
CD1 0Z6 H . 7.66 33.83 -13.05
CD2 0Z6 H . 6.24 32.18 -12.04
CE1 0Z6 H . 8.75 33.34 -12.34
CE2 0Z6 H . 7.32 31.69 -11.33
CZ 0Z6 H . 8.58 32.28 -11.48
N1 0Z6 H . 3.25 31.47 -13.86
CA1 0Z6 H . 2.67 30.22 -13.35
C1 0Z6 H . 1.84 29.66 -14.49
O1 0Z6 H . 1.17 30.40 -15.19
CB1 0Z6 H . 1.73 30.49 -12.16
CG1 0Z6 H . 2.44 30.81 -10.89
CD11 0Z6 H . 3.02 29.80 -10.14
CD21 0Z6 H . 2.55 32.12 -10.44
CE11 0Z6 H . 3.69 30.08 -8.99
CE21 0Z6 H . 3.21 32.41 -9.28
CZ1 0Z6 H . 3.79 31.40 -8.55
N2 0Z6 H . 1.86 28.35 -14.68
CA2 0Z6 H . 1.12 27.81 -15.80
C2 0Z6 H . -0.19 27.08 -15.43
O2 0Z6 H . -0.95 27.15 -16.39
CB2 0Z6 H . 2.06 26.92 -16.60
CG2 0Z6 H . 2.98 27.72 -17.49
CD 0Z6 H . 4.34 27.06 -17.64
NE 0Z6 H . 5.40 28.06 -17.73
CZ2 0Z6 H . 6.48 27.91 -18.51
NH1 0Z6 H . 6.61 26.82 -19.26
NH2 0Z6 H . 7.40 28.88 -18.53
C3 0Z6 H . -0.76 27.63 -14.13
CA CA I . -13.42 17.03 -30.16
AS CAC J . 14.50 28.45 -15.12
O1 CAC J . 12.97 28.79 -15.63
O2 CAC J . 15.57 28.38 -16.37
C1 CAC J . 14.47 26.71 -14.27
C2 CAC J . 15.07 29.87 -13.94
C1 FUC K . 22.62 -28.41 5.61
C2 FUC K . 23.67 -29.43 5.56
C3 FUC K . 24.79 -29.04 4.58
C4 FUC K . 24.88 -27.55 4.34
C5 FUC K . 23.52 -27.01 3.81
C6 FUC K . 23.21 -25.54 4.08
O2 FUC K . 23.01 -30.60 5.08
O3 FUC K . 26.03 -29.56 5.03
O4 FUC K . 25.21 -26.93 5.59
O5 FUC K . 22.38 -27.77 4.35
C1 FUC L . -13.65 -7.35 -25.95
C2 FUC L . -14.39 -6.83 -24.71
C3 FUC L . -13.91 -7.54 -23.44
C4 FUC L . -12.45 -8.05 -23.60
C5 FUC L . -12.39 -9.07 -24.76
C6 FUC L . -11.00 -9.19 -25.38
O2 FUC L . -15.79 -7.04 -24.86
O3 FUC L . -14.02 -6.66 -22.33
O4 FUC L . -11.56 -6.96 -23.86
O5 FUC L . -13.33 -8.75 -25.83
CA CA M . 7.70 -36.14 6.31
N 0Z6 N . -0.47 -4.41 36.59
CA 0Z6 N . 0.82 -3.82 36.25
C 0Z6 N . 0.97 -3.77 34.75
O 0Z6 N . -0.03 -3.81 34.00
CB 0Z6 N . 0.91 -2.39 36.78
CG 0Z6 N . -0.16 -1.49 36.26
CD1 0Z6 N . -1.22 -1.14 37.09
CD2 0Z6 N . -0.13 -1.02 34.96
CE1 0Z6 N . -2.26 -0.32 36.61
CE2 0Z6 N . -1.14 -0.20 34.48
CZ 0Z6 N . -2.21 0.16 35.32
N1 0Z6 N . 2.22 -3.65 34.32
CA1 0Z6 N . 2.58 -3.63 32.91
C1 0Z6 N . 2.99 -5.04 32.57
O1 0Z6 N . 3.66 -5.68 33.36
CB1 0Z6 N . 3.77 -2.72 32.65
CG1 0Z6 N . 3.41 -1.28 32.66
CD11 0Z6 N . 2.76 -0.70 31.57
CD21 0Z6 N . 3.70 -0.50 33.77
CE11 0Z6 N . 2.40 0.61 31.59
CE21 0Z6 N . 3.34 0.82 33.81
CZ1 0Z6 N . 2.68 1.38 32.71
N2 0Z6 N . 2.60 -5.51 31.40
CA2 0Z6 N . 2.93 -6.88 31.09
C2 0Z6 N . 4.06 -7.05 30.07
O2 0Z6 N . 4.56 -8.14 30.24
CB2 0Z6 N . 1.67 -7.60 30.65
CG2 0Z6 N . 0.82 -8.01 31.84
CD 0Z6 N . -0.64 -7.98 31.52
NE 0Z6 N . -1.44 -7.57 32.67
CZ2 0Z6 N . -2.62 -8.08 32.95
NH1 0Z6 N . -3.15 -9.02 32.18
NH2 0Z6 N . -3.28 -7.65 34.02
C3 0Z6 N . 4.94 -5.82 30.05
CA CA O . 11.72 -26.66 23.08
AS CAC P . -9.58 -2.74 33.90
O1 CAC P . -8.13 -3.49 34.12
O2 CAC P . -10.82 -3.67 34.45
C1 CAC P . -9.82 -2.44 32.00
C2 CAC P . -9.55 -1.11 34.96
C1 GLC Q . -20.29 -10.31 -29.97
C2 GLC Q . -20.09 -11.57 -29.08
C3 GLC Q . -18.90 -11.35 -28.13
C4 GLC Q . -17.65 -11.03 -28.96
C5 GLC Q . -17.93 -9.81 -29.87
C6 GLC Q . -16.78 -9.40 -30.78
O2 GLC Q . -21.25 -11.85 -28.32
O3 GLC Q . -18.70 -12.50 -27.31
O4 GLC Q . -16.57 -10.76 -28.09
O5 GLC Q . -19.09 -10.05 -30.72
O6 GLC Q . -16.34 -10.48 -31.59
C1 FUL R . -25.88 4.39 -25.96
C2 FUL R . -26.06 5.26 -24.71
O2 FUL R . -25.00 6.18 -24.59
C3 FUL R . -27.39 6.01 -24.75
O3 FUL R . -28.01 5.93 -23.47
C4 FUL R . -28.33 5.44 -25.81
O4 FUL R . -28.69 4.11 -25.47
C5 FUL R . -27.67 5.45 -27.19
C6 FUL R . -28.32 4.51 -28.19
O5 FUL R . -26.26 5.13 -27.13
CA CA S . -15.44 -1.75 -34.56
#